data_2E11
#
_entry.id   2E11
#
_cell.length_a   143.280
_cell.length_b   154.305
_cell.length_c   51.158
_cell.angle_alpha   90.00
_cell.angle_beta   90.00
_cell.angle_gamma   90.00
#
_symmetry.space_group_name_H-M   'P 21 21 2'
#
loop_
_entity.id
_entity.type
_entity.pdbx_description
1 polymer Hydrolase
2 non-polymer 'CACODYLATE ION'
3 water water
#
_entity_poly.entity_id   1
_entity_poly.type   'polypeptide(L)'
_entity_poly.pdbx_seq_one_letter_code
;MHDLRISLVQGSTRWHDPAGNRDYYGALLEPLAGQSDLVILPETFTSGFSNEAIDKAEDMDGPTVAWIRTQAARLGAAIT
GSVQLRTEHGVFNRLLWATPDGALQYYDKRHLFRFGNEHLRYAAGRERLCVEWKGWRINPQVCYDLRFPVFCRNRFDVER
PGQLDFDLQLFVANWPSARAYAWKTLLRARAIENLCFVAAVNRVGVDGNQLHYAGDSAVIDFLGQPQVEIREQEQVVTTT
ISAAALAEHRARFPAMLDGDSFVLGE
;
_entity_poly.pdbx_strand_id   A,B,C,D
#
# COMPACT_ATOMS: atom_id res chain seq x y z
N MET A 1 -7.00 32.10 -0.20
CA MET A 1 -6.35 32.23 -1.55
C MET A 1 -7.17 31.50 -2.63
N HIS A 2 -6.75 31.56 -3.89
CA HIS A 2 -7.35 30.76 -4.97
C HIS A 2 -6.74 29.35 -5.01
N ASP A 3 -7.29 28.47 -5.85
CA ASP A 3 -6.72 27.12 -5.94
C ASP A 3 -5.48 27.21 -6.81
N LEU A 4 -4.63 26.20 -6.73
CA LEU A 4 -3.39 26.20 -7.50
C LEU A 4 -3.35 25.03 -8.47
N ARG A 5 -3.05 25.33 -9.74
CA ARG A 5 -2.87 24.28 -10.75
C ARG A 5 -1.40 23.92 -10.84
N ILE A 6 -1.13 22.63 -10.67
CA ILE A 6 0.24 22.13 -10.65
C ILE A 6 0.44 21.12 -11.77
N SER A 7 1.51 21.27 -12.55
CA SER A 7 1.84 20.26 -13.57
C SER A 7 3.10 19.53 -13.17
N LEU A 8 3.02 18.20 -13.18
CA LEU A 8 4.18 17.34 -12.95
C LEU A 8 4.74 16.95 -14.32
N VAL A 9 6.03 17.20 -14.51
CA VAL A 9 6.66 16.89 -15.79
C VAL A 9 7.70 15.79 -15.58
N GLN A 10 7.22 14.55 -15.71
CA GLN A 10 8.01 13.38 -15.41
C GLN A 10 8.71 12.95 -16.69
N GLY A 11 9.92 13.45 -16.88
CA GLY A 11 10.67 13.20 -18.12
C GLY A 11 11.78 12.19 -17.95
N SER A 12 12.27 11.70 -19.09
CA SER A 12 13.47 10.88 -19.12
C SER A 12 14.65 11.76 -19.55
N THR A 13 15.28 12.37 -18.56
CA THR A 13 16.37 13.32 -18.82
C THR A 13 17.45 12.69 -19.67
N ARG A 14 17.80 13.39 -20.74
CA ARG A 14 18.87 12.96 -21.63
C ARG A 14 20.22 13.10 -20.92
N TRP A 15 21.07 12.09 -21.02
CA TRP A 15 22.32 12.11 -20.29
C TRP A 15 23.29 13.14 -20.87
N HIS A 16 23.80 14.03 -20.01
CA HIS A 16 24.85 14.99 -20.42
C HIS A 16 24.51 15.76 -21.71
N ASP A 17 23.25 16.19 -21.86
CA ASP A 17 22.84 16.86 -23.07
C ASP A 17 21.93 18.05 -22.76
N PRO A 18 22.52 19.15 -22.26
CA PRO A 18 21.72 20.33 -21.91
C PRO A 18 20.84 20.84 -23.05
N ALA A 19 21.42 20.99 -24.25
CA ALA A 19 20.63 21.48 -25.38
C ALA A 19 19.48 20.52 -25.73
N GLY A 20 19.78 19.23 -25.76
CA GLY A 20 18.76 18.19 -26.00
C GLY A 20 17.65 18.23 -24.97
N ASN A 21 18.02 18.43 -23.71
CA ASN A 21 17.00 18.50 -22.64
C ASN A 21 16.17 19.75 -22.70
N ARG A 22 16.77 20.87 -23.09
CA ARG A 22 15.97 22.08 -23.21
C ARG A 22 14.90 21.86 -24.29
N ASP A 23 15.30 21.24 -25.39
CA ASP A 23 14.36 20.93 -26.48
C ASP A 23 13.28 19.94 -26.02
N TYR A 24 13.72 18.88 -25.37
CA TYR A 24 12.85 17.79 -24.92
C TYR A 24 11.85 18.27 -23.89
N TYR A 25 12.34 18.90 -22.81
CA TYR A 25 11.45 19.46 -21.80
C TYR A 25 10.61 20.60 -22.35
N GLY A 26 11.19 21.39 -23.25
CA GLY A 26 10.43 22.46 -23.89
C GLY A 26 9.21 21.90 -24.61
N ALA A 27 9.42 20.80 -25.34
CA ALA A 27 8.33 20.14 -26.08
C ALA A 27 7.27 19.61 -25.13
N LEU A 28 7.70 19.06 -24.01
CA LEU A 28 6.73 18.56 -23.00
C LEU A 28 5.92 19.71 -22.41
N LEU A 29 6.53 20.89 -22.29
CA LEU A 29 5.88 22.05 -21.66
C LEU A 29 4.91 22.79 -22.55
N GLU A 30 5.14 22.70 -23.85
CA GLU A 30 4.43 23.53 -24.81
C GLU A 30 2.90 23.51 -24.61
N PRO A 31 2.30 22.31 -24.45
CA PRO A 31 0.83 22.28 -24.37
C PRO A 31 0.24 22.85 -23.06
N LEU A 32 1.10 23.12 -22.09
CA LEU A 32 0.67 23.58 -20.77
C LEU A 32 0.39 25.09 -20.72
N ALA A 33 0.67 25.79 -21.81
CA ALA A 33 0.56 27.25 -21.78
C ALA A 33 -0.86 27.66 -21.42
N GLY A 34 -0.99 28.52 -20.40
CA GLY A 34 -2.29 28.98 -19.94
C GLY A 34 -3.07 28.00 -19.08
N GLN A 35 -2.52 26.80 -18.90
CA GLN A 35 -3.24 25.71 -18.23
C GLN A 35 -2.74 25.38 -16.81
N SER A 36 -1.68 26.06 -16.37
CA SER A 36 -1.02 25.71 -15.12
C SER A 36 -0.47 26.92 -14.39
N ASP A 37 -0.35 26.81 -13.06
CA ASP A 37 0.30 27.87 -12.26
C ASP A 37 1.72 27.50 -11.85
N LEU A 38 2.03 26.22 -11.86
CA LEU A 38 3.32 25.75 -11.33
C LEU A 38 3.65 24.47 -12.06
N VAL A 39 4.77 24.51 -12.80
CA VAL A 39 5.24 23.39 -13.61
C VAL A 39 6.53 22.91 -12.96
N ILE A 40 6.54 21.63 -12.61
CA ILE A 40 7.66 21.07 -11.86
C ILE A 40 8.42 20.07 -12.70
N LEU A 41 9.73 20.31 -12.84
CA LEU A 41 10.66 19.45 -13.58
C LEU A 41 11.52 18.64 -12.62
N PRO A 42 12.21 17.58 -13.13
CA PRO A 42 13.12 16.86 -12.25
C PRO A 42 14.34 17.66 -11.77
N GLU A 43 15.02 17.11 -10.77
CA GLU A 43 16.34 17.54 -10.38
C GLU A 43 17.32 17.32 -11.55
N THR A 44 18.31 18.20 -11.61
CA THR A 44 19.37 18.17 -12.63
C THR A 44 18.82 17.78 -14.01
N PHE A 45 17.86 18.57 -14.49
CA PHE A 45 17.12 18.16 -15.67
C PHE A 45 17.81 18.46 -16.99
N THR A 46 18.99 19.09 -16.95
CA THR A 46 19.76 19.37 -18.19
C THR A 46 20.94 18.41 -18.43
N SER A 47 21.45 17.80 -17.37
CA SER A 47 22.61 16.90 -17.52
C SER A 47 22.35 15.51 -16.97
N GLY A 48 21.32 15.38 -16.15
CA GLY A 48 21.14 14.16 -15.39
C GLY A 48 21.95 14.29 -14.12
N PHE A 49 21.71 13.37 -13.19
CA PHE A 49 22.41 13.43 -11.91
C PHE A 49 23.81 12.82 -12.08
N SER A 50 24.81 13.68 -12.18
CA SER A 50 26.12 13.24 -12.67
C SER A 50 27.22 14.04 -12.01
N ASN A 51 28.23 13.34 -11.46
CA ASN A 51 29.39 14.03 -10.92
C ASN A 51 30.26 14.65 -11.99
N GLU A 52 30.40 13.99 -13.14
CA GLU A 52 31.19 14.54 -14.24
C GLU A 52 30.62 15.82 -14.81
N ALA A 53 29.32 16.06 -14.60
CA ALA A 53 28.66 17.27 -15.11
C ALA A 53 29.22 18.55 -14.50
N ILE A 54 29.93 18.42 -13.37
CA ILE A 54 30.47 19.58 -12.67
C ILE A 54 31.40 20.40 -13.56
N ASP A 55 32.19 19.73 -14.38
CA ASP A 55 33.24 20.43 -15.11
C ASP A 55 32.74 21.19 -16.33
N LYS A 56 31.47 20.96 -16.68
CA LYS A 56 30.80 21.69 -17.76
C LYS A 56 29.60 22.49 -17.28
N ALA A 57 29.42 22.57 -15.96
CA ALA A 57 28.29 23.27 -15.37
C ALA A 57 28.15 24.69 -15.92
N GLU A 58 26.91 25.08 -16.23
CA GLU A 58 26.63 26.47 -16.65
C GLU A 58 26.67 27.43 -15.45
N ASP A 59 26.62 28.74 -15.72
CA ASP A 59 26.49 29.72 -14.63
C ASP A 59 25.16 30.46 -14.76
N MET A 60 24.93 31.47 -13.92
CA MET A 60 23.63 32.14 -13.89
C MET A 60 23.35 32.92 -15.18
N ASP A 61 24.40 33.20 -15.94
CA ASP A 61 24.26 33.93 -17.22
C ASP A 61 24.09 32.99 -18.41
N GLY A 62 23.90 31.69 -18.12
CA GLY A 62 23.87 30.65 -19.13
C GLY A 62 22.52 30.40 -19.79
N PRO A 63 22.50 29.50 -20.79
CA PRO A 63 21.30 29.23 -21.57
C PRO A 63 20.16 28.59 -20.80
N THR A 64 20.48 27.78 -19.78
CA THR A 64 19.41 27.09 -19.04
C THR A 64 18.63 28.06 -18.15
N VAL A 65 19.35 28.96 -17.48
CA VAL A 65 18.66 29.98 -16.71
C VAL A 65 17.77 30.80 -17.65
N ALA A 66 18.31 31.17 -18.83
CA ALA A 66 17.51 31.94 -19.81
C ALA A 66 16.30 31.13 -20.26
N TRP A 67 16.50 29.83 -20.48
CA TRP A 67 15.44 28.96 -20.93
C TRP A 67 14.31 28.86 -19.92
N ILE A 68 14.63 28.69 -18.64
CA ILE A 68 13.57 28.52 -17.64
C ILE A 68 12.73 29.81 -17.53
N ARG A 69 13.40 30.95 -17.63
CA ARG A 69 12.71 32.25 -17.64
C ARG A 69 11.77 32.32 -18.82
N THR A 70 12.29 31.97 -20.00
CA THR A 70 11.52 31.93 -21.23
C THR A 70 10.30 31.04 -21.09
N GLN A 71 10.50 29.83 -20.53
CA GLN A 71 9.38 28.91 -20.33
C GLN A 71 8.33 29.48 -19.39
N ALA A 72 8.73 30.10 -18.28
CA ALA A 72 7.76 30.69 -17.33
C ALA A 72 6.92 31.75 -18.05
N ALA A 73 7.57 32.61 -18.83
CA ALA A 73 6.83 33.62 -19.60
C ALA A 73 5.91 32.97 -20.63
N ARG A 74 6.41 31.96 -21.33
CA ARG A 74 5.67 31.34 -22.42
C ARG A 74 4.43 30.65 -21.87
N LEU A 75 4.57 30.03 -20.70
CA LEU A 75 3.46 29.25 -20.14
C LEU A 75 2.53 30.06 -19.27
N GLY A 76 3.02 31.15 -18.68
CA GLY A 76 2.21 31.91 -17.72
C GLY A 76 2.13 31.20 -16.38
N ALA A 77 3.19 30.47 -16.06
CA ALA A 77 3.25 29.62 -14.88
C ALA A 77 4.63 29.72 -14.23
N ALA A 78 4.67 29.58 -12.91
CA ALA A 78 5.94 29.32 -12.23
C ALA A 78 6.52 28.03 -12.78
N ILE A 79 7.85 28.00 -12.97
CA ILE A 79 8.56 26.81 -13.42
C ILE A 79 9.67 26.53 -12.45
N THR A 80 9.84 25.25 -12.09
CA THR A 80 10.92 24.92 -11.15
C THR A 80 11.58 23.59 -11.51
N GLY A 81 12.84 23.46 -11.14
CA GLY A 81 13.66 22.26 -11.46
C GLY A 81 15.04 22.62 -10.97
N SER A 82 15.98 21.68 -10.97
CA SER A 82 17.35 22.01 -10.53
C SER A 82 18.34 21.78 -11.65
N VAL A 83 19.45 22.50 -11.56
CA VAL A 83 20.56 22.40 -12.52
C VAL A 83 21.86 22.56 -11.73
N GLN A 84 22.90 21.84 -12.13
CA GLN A 84 24.25 22.11 -11.59
C GLN A 84 24.65 23.49 -12.09
N LEU A 85 24.98 24.37 -11.16
CA LEU A 85 25.19 25.77 -11.50
C LEU A 85 26.42 26.28 -10.80
N ARG A 86 27.32 26.89 -11.58
CA ARG A 86 28.59 27.38 -11.05
C ARG A 86 28.47 28.83 -10.61
N THR A 87 28.97 29.11 -9.41
CA THR A 87 29.16 30.49 -8.97
C THR A 87 30.59 30.70 -8.49
N GLU A 88 30.84 31.90 -7.99
CA GLU A 88 32.09 32.26 -7.33
C GLU A 88 32.39 31.33 -6.15
N HIS A 89 31.33 30.80 -5.55
CA HIS A 89 31.45 30.03 -4.34
C HIS A 89 31.46 28.53 -4.55
N GLY A 90 31.39 28.09 -5.81
CA GLY A 90 31.45 26.66 -6.12
C GLY A 90 30.34 26.28 -7.08
N VAL A 91 30.11 24.98 -7.22
CA VAL A 91 29.05 24.50 -8.12
C VAL A 91 27.99 23.82 -7.28
N PHE A 92 26.79 24.38 -7.35
CA PHE A 92 25.66 23.97 -6.54
C PHE A 92 24.69 23.15 -7.35
N ASN A 93 23.88 22.35 -6.65
CA ASN A 93 22.72 21.72 -7.24
C ASN A 93 21.61 22.73 -6.94
N ARG A 94 21.34 23.58 -7.94
CA ARG A 94 20.55 24.76 -7.71
C ARG A 94 19.15 24.64 -8.26
N LEU A 95 18.18 24.69 -7.35
CA LEU A 95 16.79 24.70 -7.77
C LEU A 95 16.48 26.11 -8.21
N LEU A 96 15.92 26.24 -9.41
CA LEU A 96 15.53 27.55 -9.95
C LEU A 96 14.02 27.68 -9.80
N TRP A 97 13.58 28.86 -9.40
CA TRP A 97 12.16 29.21 -9.29
C TRP A 97 11.93 30.44 -10.14
N ALA A 98 11.35 30.24 -11.33
CA ALA A 98 11.12 31.32 -12.30
C ALA A 98 9.62 31.58 -12.37
N THR A 99 9.21 32.84 -12.20
CA THR A 99 7.80 33.21 -12.32
C THR A 99 7.59 34.12 -13.53
N PRO A 100 6.39 34.05 -14.16
CA PRO A 100 6.08 34.78 -15.38
C PRO A 100 5.96 36.29 -15.19
N ASP A 101 5.97 36.72 -13.91
CA ASP A 101 6.04 38.15 -13.58
C ASP A 101 7.50 38.63 -13.71
N GLY A 102 8.39 37.70 -14.06
CA GLY A 102 9.78 38.05 -14.34
C GLY A 102 10.72 37.94 -13.18
N ALA A 103 10.27 37.35 -12.08
CA ALA A 103 11.13 37.16 -10.92
C ALA A 103 11.85 35.80 -11.02
N LEU A 104 13.09 35.76 -10.51
CA LEU A 104 13.84 34.49 -10.42
C LEU A 104 14.42 34.33 -9.01
N GLN A 105 14.11 33.20 -8.40
CA GLN A 105 14.65 32.89 -7.10
C GLN A 105 15.30 31.54 -7.19
N TYR A 106 16.11 31.22 -6.19
CA TYR A 106 16.77 29.92 -6.21
C TYR A 106 17.03 29.36 -4.82
N TYR A 107 17.31 28.06 -4.80
CA TYR A 107 17.62 27.38 -3.56
C TYR A 107 18.72 26.39 -3.89
N ASP A 108 19.84 26.52 -3.20
CA ASP A 108 20.92 25.55 -3.33
C ASP A 108 20.68 24.36 -2.41
N LYS A 109 20.65 23.17 -3.01
CA LYS A 109 20.41 21.92 -2.25
C LYS A 109 21.31 21.87 -1.01
N ARG A 110 20.67 21.75 0.14
CA ARG A 110 21.38 21.73 1.43
C ARG A 110 22.07 20.41 1.72
N HIS A 111 21.38 19.29 1.44
CA HIS A 111 21.90 17.96 1.77
C HIS A 111 22.37 17.33 0.48
N LEU A 112 23.69 17.39 0.22
CA LEU A 112 24.18 16.75 -1.00
C LEU A 112 24.15 15.24 -0.82
N PHE A 113 23.88 14.54 -1.89
CA PHE A 113 23.62 13.11 -1.79
C PHE A 113 24.93 12.32 -1.64
N ARG A 114 25.30 12.10 -0.38
CA ARG A 114 26.52 11.40 -0.01
C ARG A 114 26.66 10.01 -0.65
N PHE A 115 25.56 9.25 -0.66
CA PHE A 115 25.61 7.91 -1.23
C PHE A 115 26.00 7.89 -2.72
N GLY A 116 25.66 8.95 -3.45
CA GLY A 116 25.98 9.09 -4.87
C GLY A 116 27.22 9.94 -5.12
N ASN A 117 27.96 10.20 -4.03
CA ASN A 117 29.19 11.02 -4.07
C ASN A 117 29.03 12.46 -4.55
N GLU A 118 27.81 12.97 -4.44
CA GLU A 118 27.53 14.36 -4.79
C GLU A 118 28.32 15.34 -3.90
N HIS A 119 28.63 14.92 -2.68
CA HIS A 119 29.27 15.79 -1.69
C HIS A 119 30.77 16.02 -1.93
N LEU A 120 31.36 15.22 -2.82
CA LEU A 120 32.81 15.28 -3.05
C LEU A 120 33.29 16.59 -3.66
N ARG A 121 32.57 17.09 -4.66
CA ARG A 121 33.02 18.28 -5.35
C ARG A 121 31.95 19.36 -5.48
N TYR A 122 30.68 18.99 -5.31
CA TYR A 122 29.63 20.02 -5.33
C TYR A 122 29.60 20.78 -4.01
N ALA A 123 29.12 22.02 -4.07
CA ALA A 123 28.99 22.87 -2.89
C ALA A 123 27.58 22.76 -2.32
N ALA A 124 27.49 22.73 -1.00
CA ALA A 124 26.18 22.61 -0.32
C ALA A 124 25.56 23.97 -0.04
N GLY A 125 24.22 24.01 -0.09
CA GLY A 125 23.48 25.20 0.29
C GLY A 125 23.32 25.22 1.79
N ARG A 126 22.48 26.15 2.25
CA ARG A 126 22.30 26.34 3.70
C ARG A 126 20.88 26.80 3.97
N GLU A 127 20.48 27.90 3.33
CA GLU A 127 19.21 28.54 3.61
C GLU A 127 18.07 27.75 2.98
N ARG A 128 16.91 27.79 3.64
CA ARG A 128 15.70 27.22 3.08
C ARG A 128 15.01 28.30 2.28
N LEU A 129 14.38 27.92 1.18
CA LEU A 129 13.64 28.85 0.35
C LEU A 129 12.15 28.69 0.51
N CYS A 130 11.48 29.79 0.84
CA CYS A 130 10.02 29.85 0.75
C CYS A 130 9.62 31.01 -0.16
N VAL A 131 8.74 30.70 -1.09
CA VAL A 131 8.29 31.66 -2.10
C VAL A 131 6.79 31.77 -2.04
N GLU A 132 6.25 32.83 -2.63
CA GLU A 132 4.81 33.03 -2.64
C GLU A 132 4.37 33.15 -4.09
N TRP A 133 3.37 32.37 -4.45
CA TRP A 133 2.86 32.40 -5.81
C TRP A 133 1.37 32.14 -5.78
N LYS A 134 0.60 33.04 -6.39
CA LYS A 134 -0.85 32.89 -6.46
C LYS A 134 -1.47 32.74 -5.06
N GLY A 135 -0.88 33.40 -4.08
CA GLY A 135 -1.37 33.39 -2.69
C GLY A 135 -0.97 32.15 -1.88
N TRP A 136 -0.26 31.24 -2.53
CA TRP A 136 0.26 30.04 -1.85
C TRP A 136 1.69 30.27 -1.43
N ARG A 137 2.03 29.89 -0.21
CA ARG A 137 3.43 29.94 0.21
C ARG A 137 4.01 28.53 0.05
N ILE A 138 5.17 28.45 -0.61
CA ILE A 138 5.65 27.18 -1.17
C ILE A 138 7.09 26.99 -0.76
N ASN A 139 7.43 25.78 -0.31
CA ASN A 139 8.82 25.47 0.07
C ASN A 139 9.36 24.42 -0.89
N PRO A 140 10.11 24.86 -1.91
CA PRO A 140 10.76 23.91 -2.82
C PRO A 140 12.08 23.36 -2.29
N GLN A 141 12.22 22.02 -2.28
CA GLN A 141 13.45 21.34 -1.88
C GLN A 141 13.92 20.34 -2.94
N VAL A 142 15.09 19.75 -2.73
CA VAL A 142 15.68 18.89 -3.77
C VAL A 142 16.04 17.50 -3.25
N CYS A 143 15.47 16.49 -3.90
CA CYS A 143 15.77 15.05 -3.75
C CYS A 143 16.11 14.60 -2.32
N TYR A 144 17.39 14.39 -2.04
CA TYR A 144 17.88 13.88 -0.74
C TYR A 144 17.36 14.70 0.44
N ASP A 145 17.06 15.97 0.18
CA ASP A 145 16.48 16.83 1.22
C ASP A 145 15.28 16.17 1.91
N LEU A 146 14.55 15.35 1.14
CA LEU A 146 13.37 14.67 1.68
C LEU A 146 13.61 13.87 2.98
N ARG A 147 14.83 13.36 3.14
CA ARG A 147 15.13 12.46 4.26
C ARG A 147 15.41 13.20 5.54
N PHE A 148 15.26 14.52 5.51
CA PHE A 148 15.67 15.37 6.64
C PHE A 148 14.52 16.19 7.18
N PRO A 149 13.74 15.57 8.08
CA PRO A 149 12.48 16.15 8.52
C PRO A 149 12.63 17.49 9.24
N VAL A 150 13.75 17.70 9.91
CA VAL A 150 13.91 18.95 10.68
C VAL A 150 14.04 20.12 9.71
N PHE A 151 14.87 19.98 8.69
CA PHE A 151 14.97 21.01 7.68
C PHE A 151 13.68 21.16 6.85
N CYS A 152 12.93 20.07 6.67
CA CYS A 152 11.63 20.14 5.98
C CYS A 152 10.50 20.71 6.84
N ARG A 153 10.76 20.99 8.12
CA ARG A 153 9.62 21.13 9.06
C ARG A 153 8.83 22.42 8.80
N ASN A 154 7.50 22.30 8.82
CA ASN A 154 6.55 23.41 8.66
C ASN A 154 6.28 23.96 10.06
N ARG A 155 6.94 25.06 10.40
CA ARG A 155 6.84 25.65 11.73
C ARG A 155 5.61 26.52 11.84
N PHE A 156 5.15 26.72 13.07
CA PHE A 156 4.01 27.57 13.33
C PHE A 156 4.45 28.87 13.96
N ASP A 157 3.88 29.99 13.48
CA ASP A 157 4.15 31.32 14.04
C ASP A 157 5.64 31.67 13.97
N VAL A 158 6.29 31.30 12.87
CA VAL A 158 7.67 31.68 12.66
C VAL A 158 7.76 32.56 11.42
N GLU A 159 7.71 31.96 10.24
CA GLU A 159 7.76 32.73 8.99
C GLU A 159 6.48 33.54 8.73
N ARG A 160 5.34 33.03 9.20
CA ARG A 160 4.08 33.73 9.06
C ARG A 160 3.37 33.80 10.40
N PRO A 161 2.96 35.02 10.81
CA PRO A 161 2.40 35.21 12.15
C PRO A 161 1.13 34.39 12.32
N GLY A 162 1.07 33.57 13.36
CA GLY A 162 -0.12 32.78 13.67
C GLY A 162 -0.51 31.75 12.61
N GLN A 163 0.46 31.35 11.80
CA GLN A 163 0.23 30.42 10.69
C GLN A 163 1.42 29.52 10.52
N LEU A 164 1.21 28.43 9.80
CA LEU A 164 2.33 27.60 9.37
C LEU A 164 3.22 28.35 8.39
N ASP A 165 4.48 27.96 8.33
CA ASP A 165 5.47 28.53 7.40
C ASP A 165 5.01 28.45 5.93
N PHE A 166 4.35 27.36 5.53
CA PHE A 166 4.01 27.17 4.13
C PHE A 166 2.79 26.29 3.93
N ASP A 167 2.28 26.32 2.72
CA ASP A 167 1.05 25.63 2.33
C ASP A 167 1.32 24.43 1.42
N LEU A 168 2.47 24.46 0.75
CA LEU A 168 2.83 23.46 -0.24
C LEU A 168 4.33 23.26 -0.17
N GLN A 169 4.74 22.01 -0.08
CA GLN A 169 6.17 21.67 -0.12
C GLN A 169 6.44 20.87 -1.39
N LEU A 170 7.56 21.13 -2.04
CA LEU A 170 7.88 20.48 -3.32
C LEU A 170 9.19 19.76 -3.19
N PHE A 171 9.33 18.64 -3.90
CA PHE A 171 10.62 17.98 -4.05
C PHE A 171 10.85 17.65 -5.49
N VAL A 172 12.01 18.04 -6.01
CA VAL A 172 12.43 17.64 -7.36
C VAL A 172 13.58 16.63 -7.22
N ALA A 173 13.59 15.57 -8.05
CA ALA A 173 14.42 14.40 -7.76
C ALA A 173 14.96 13.56 -8.93
N ASN A 174 16.08 12.88 -8.67
CA ASN A 174 16.52 11.67 -9.40
C ASN A 174 16.67 10.57 -8.37
N TRP A 175 15.56 9.95 -8.03
CA TRP A 175 15.53 8.99 -6.93
C TRP A 175 15.38 7.61 -7.54
N PRO A 176 16.43 6.77 -7.44
CA PRO A 176 16.42 5.48 -8.13
C PRO A 176 15.36 4.50 -7.62
N SER A 177 14.88 3.65 -8.54
CA SER A 177 13.74 2.77 -8.27
C SER A 177 14.02 1.75 -7.15
N ALA A 178 15.28 1.37 -6.97
CA ALA A 178 15.65 0.47 -5.88
C ALA A 178 15.14 0.99 -4.53
N ARG A 179 15.02 2.31 -4.41
CA ARG A 179 14.64 2.94 -3.13
C ARG A 179 13.34 3.72 -3.27
N ALA A 180 12.51 3.32 -4.24
CA ALA A 180 11.24 4.02 -4.47
C ALA A 180 10.34 3.97 -3.24
N TYR A 181 10.41 2.87 -2.50
CA TYR A 181 9.55 2.77 -1.32
C TYR A 181 9.80 3.93 -0.36
N ALA A 182 11.08 4.28 -0.14
CA ALA A 182 11.41 5.37 0.75
C ALA A 182 10.90 6.72 0.23
N TRP A 183 11.04 6.94 -1.07
CA TRP A 183 10.51 8.13 -1.73
C TRP A 183 9.01 8.27 -1.47
N LYS A 184 8.25 7.24 -1.82
CA LYS A 184 6.79 7.29 -1.69
C LYS A 184 6.36 7.52 -0.26
N THR A 185 7.02 6.81 0.65
CA THR A 185 6.64 6.86 2.05
C THR A 185 6.94 8.23 2.66
N LEU A 186 8.15 8.73 2.42
CA LEU A 186 8.53 10.01 3.00
C LEU A 186 7.70 11.19 2.50
N LEU A 187 7.33 11.17 1.23
CA LEU A 187 6.52 12.24 0.66
C LEU A 187 5.17 12.31 1.39
N ARG A 188 4.59 11.13 1.60
CA ARG A 188 3.30 11.01 2.29
C ARG A 188 3.43 11.46 3.74
N ALA A 189 4.49 11.03 4.42
CA ALA A 189 4.76 11.47 5.79
C ALA A 189 4.95 12.99 5.91
N ARG A 190 5.65 13.59 4.95
CA ARG A 190 5.87 15.05 5.02
C ARG A 190 4.53 15.78 4.95
N ALA A 191 3.65 15.35 4.05
CA ALA A 191 2.33 16.02 3.89
C ALA A 191 1.52 15.91 5.18
N ILE A 192 1.51 14.71 5.78
CA ILE A 192 0.79 14.46 7.03
C ILE A 192 1.33 15.32 8.17
N GLU A 193 2.64 15.22 8.44
CA GLU A 193 3.21 15.85 9.63
C GLU A 193 3.24 17.37 9.48
N ASN A 194 3.39 17.84 8.24
CA ASN A 194 3.46 19.29 7.96
C ASN A 194 2.11 19.92 7.60
N LEU A 195 1.07 19.11 7.66
CA LEU A 195 -0.29 19.59 7.38
C LEU A 195 -0.36 20.43 6.09
N CYS A 196 0.16 19.89 5.00
CA CYS A 196 0.27 20.66 3.76
C CYS A 196 0.14 19.75 2.55
N PHE A 197 -0.05 20.36 1.39
CA PHE A 197 0.10 19.61 0.15
C PHE A 197 1.60 19.37 -0.11
N VAL A 198 1.89 18.28 -0.78
CA VAL A 198 3.25 18.02 -1.24
C VAL A 198 3.19 17.71 -2.73
N ALA A 199 4.07 18.32 -3.53
CA ALA A 199 4.13 17.95 -4.97
C ALA A 199 5.55 17.52 -5.22
N ALA A 200 5.72 16.46 -6.00
CA ALA A 200 7.08 15.92 -6.13
C ALA A 200 7.23 15.38 -7.54
N VAL A 201 8.38 15.65 -8.14
CA VAL A 201 8.66 15.11 -9.47
C VAL A 201 9.97 14.37 -9.43
N ASN A 202 9.95 13.18 -9.99
CA ASN A 202 11.13 12.34 -10.14
C ASN A 202 11.19 11.96 -11.60
N ARG A 203 12.38 11.79 -12.13
CA ARG A 203 12.52 11.40 -13.54
C ARG A 203 12.14 9.93 -13.71
N VAL A 204 12.11 9.49 -14.97
CA VAL A 204 11.93 8.08 -15.34
C VAL A 204 13.07 7.68 -16.28
N GLY A 205 13.11 6.42 -16.70
CA GLY A 205 14.17 5.99 -17.63
C GLY A 205 15.43 5.53 -16.93
N VAL A 206 16.51 5.40 -17.71
CA VAL A 206 17.77 4.88 -17.22
C VAL A 206 18.84 5.94 -17.49
N ASP A 207 19.75 6.14 -16.55
CA ASP A 207 20.78 7.15 -16.75
C ASP A 207 22.16 6.54 -17.08
N GLY A 208 23.14 7.42 -17.25
CA GLY A 208 24.51 7.05 -17.69
C GLY A 208 25.27 6.28 -16.64
N ASN A 209 24.76 6.31 -15.41
CA ASN A 209 25.30 5.55 -14.29
C ASN A 209 24.59 4.21 -14.09
N GLN A 210 23.81 3.82 -15.10
CA GLN A 210 23.07 2.56 -15.11
C GLN A 210 21.90 2.51 -14.12
N LEU A 211 21.53 3.65 -13.55
CA LEU A 211 20.43 3.67 -12.57
C LEU A 211 19.09 3.77 -13.29
N HIS A 212 18.11 3.04 -12.78
CA HIS A 212 16.77 3.09 -13.32
C HIS A 212 15.87 3.91 -12.39
N TYR A 213 14.93 4.64 -12.98
CA TYR A 213 14.04 5.54 -12.23
C TYR A 213 12.59 5.21 -12.54
N ALA A 214 11.78 5.09 -11.50
CA ALA A 214 10.39 4.63 -11.65
C ALA A 214 9.40 5.80 -11.65
N GLY A 215 9.90 7.02 -11.49
CA GLY A 215 9.02 8.20 -11.39
C GLY A 215 8.38 8.25 -10.00
N ASP A 216 7.08 7.92 -9.92
CA ASP A 216 6.31 8.07 -8.66
C ASP A 216 6.17 9.55 -8.34
N SER A 217 6.07 10.35 -9.40
CA SER A 217 5.78 11.80 -9.21
C SER A 217 4.35 11.89 -8.70
N ALA A 218 4.06 12.86 -7.84
CA ALA A 218 2.72 12.90 -7.24
C ALA A 218 2.39 14.27 -6.72
N VAL A 219 1.09 14.51 -6.62
CA VAL A 219 0.59 15.58 -5.75
C VAL A 219 -0.13 14.85 -4.64
N ILE A 220 0.28 15.17 -3.41
CA ILE A 220 -0.17 14.50 -2.21
C ILE A 220 -0.94 15.51 -1.34
N ASP A 221 -2.15 15.15 -0.93
CA ASP A 221 -2.92 16.06 -0.08
C ASP A 221 -2.44 16.05 1.37
N PHE A 222 -3.05 16.90 2.19
CA PHE A 222 -2.66 17.11 3.58
C PHE A 222 -3.00 15.90 4.46
N LEU A 223 -3.67 14.90 3.91
CA LEU A 223 -3.89 13.64 4.67
C LEU A 223 -2.89 12.56 4.24
N GLY A 224 -1.93 12.95 3.41
CA GLY A 224 -0.95 12.02 2.92
C GLY A 224 -1.44 11.13 1.78
N GLN A 225 -2.58 11.48 1.21
CA GLN A 225 -3.21 10.66 0.18
C GLN A 225 -2.89 11.29 -1.21
N PRO A 226 -2.33 10.51 -2.15
CA PRO A 226 -2.02 11.11 -3.45
C PRO A 226 -3.27 11.46 -4.23
N GLN A 227 -3.37 12.70 -4.67
CA GLN A 227 -4.45 13.15 -5.52
C GLN A 227 -4.19 12.71 -6.96
N VAL A 228 -2.92 12.80 -7.37
CA VAL A 228 -2.50 12.21 -8.65
C VAL A 228 -1.12 11.59 -8.44
N GLU A 229 -0.88 10.47 -9.13
CA GLU A 229 0.43 9.81 -9.05
C GLU A 229 0.71 9.20 -10.41
N ILE A 230 1.94 9.36 -10.87
CA ILE A 230 2.31 8.84 -12.19
C ILE A 230 3.60 8.07 -12.07
N ARG A 231 3.79 7.07 -12.93
CA ARG A 231 4.92 6.13 -12.75
C ARG A 231 5.41 5.61 -14.08
N GLU A 232 6.70 5.28 -14.10
CA GLU A 232 7.36 4.40 -15.08
C GLU A 232 7.60 5.08 -16.43
N GLN A 233 6.55 5.71 -16.97
CA GLN A 233 6.60 6.31 -18.30
C GLN A 233 6.82 7.80 -18.26
N GLU A 234 7.33 8.34 -19.35
CA GLU A 234 7.34 9.80 -19.54
C GLU A 234 5.89 10.25 -19.49
N GLN A 235 5.60 11.27 -18.69
CA GLN A 235 4.21 11.65 -18.43
C GLN A 235 4.12 13.08 -17.89
N VAL A 236 3.11 13.83 -18.36
CA VAL A 236 2.76 15.14 -17.78
C VAL A 236 1.31 15.07 -17.31
N VAL A 237 1.06 15.60 -16.13
CA VAL A 237 -0.31 15.70 -15.67
C VAL A 237 -0.45 17.01 -14.94
N THR A 238 -1.63 17.62 -15.05
CA THR A 238 -1.91 18.88 -14.35
C THR A 238 -3.11 18.66 -13.46
N THR A 239 -2.98 19.09 -12.21
CA THR A 239 -4.05 18.90 -11.24
C THR A 239 -4.26 20.18 -10.42
N THR A 240 -5.42 20.33 -9.80
CA THR A 240 -5.68 21.55 -9.01
C THR A 240 -5.80 21.18 -7.54
N ILE A 241 -5.10 21.94 -6.69
CA ILE A 241 -5.18 21.73 -5.25
C ILE A 241 -6.04 22.80 -4.57
N SER A 242 -6.80 22.37 -3.55
CA SER A 242 -7.83 23.20 -2.91
C SER A 242 -7.33 23.96 -1.68
N ALA A 243 -7.31 25.29 -1.79
CA ALA A 243 -6.98 26.15 -0.65
C ALA A 243 -8.00 25.94 0.48
N ALA A 244 -9.28 25.82 0.10
CA ALA A 244 -10.36 25.70 1.08
C ALA A 244 -10.26 24.43 1.91
N ALA A 245 -9.96 23.31 1.25
CA ALA A 245 -9.83 22.01 1.92
C ALA A 245 -8.65 22.06 2.90
N LEU A 246 -7.56 22.71 2.50
CA LEU A 246 -6.37 22.82 3.34
C LEU A 246 -6.71 23.60 4.61
N ALA A 247 -7.39 24.73 4.42
CA ALA A 247 -7.76 25.60 5.53
C ALA A 247 -8.70 24.88 6.49
N GLU A 248 -9.63 24.11 5.95
CA GLU A 248 -10.56 23.32 6.79
C GLU A 248 -9.81 22.24 7.59
N HIS A 249 -8.90 21.53 6.93
CA HIS A 249 -8.12 20.51 7.63
C HIS A 249 -7.32 21.11 8.78
N ARG A 250 -6.69 22.26 8.53
CA ARG A 250 -5.86 22.88 9.56
C ARG A 250 -6.67 23.37 10.75
N ALA A 251 -7.93 23.70 10.50
CA ALA A 251 -8.84 24.09 11.59
C ALA A 251 -9.33 22.85 12.36
N ARG A 252 -9.70 21.82 11.61
CA ARG A 252 -10.24 20.57 12.17
C ARG A 252 -9.19 19.77 12.95
N PHE A 253 -7.95 19.79 12.46
CA PHE A 253 -6.88 19.01 13.05
C PHE A 253 -5.71 19.93 13.37
N PRO A 254 -5.82 20.70 14.46
CA PRO A 254 -4.90 21.76 14.75
C PRO A 254 -3.56 21.28 15.35
N ALA A 255 -2.93 20.29 14.72
CA ALA A 255 -1.64 19.82 15.22
C ALA A 255 -0.54 20.89 15.09
N MET A 256 -0.79 21.88 14.23
CA MET A 256 0.09 23.07 14.10
C MET A 256 0.38 23.73 15.46
N LEU A 257 -0.60 23.65 16.36
CA LEU A 257 -0.51 24.30 17.68
C LEU A 257 0.38 23.56 18.67
N ASP A 258 0.73 22.32 18.35
CA ASP A 258 1.45 21.47 19.29
C ASP A 258 2.92 21.26 18.93
N GLY A 259 3.35 21.83 17.80
CA GLY A 259 4.73 21.71 17.32
C GLY A 259 5.74 22.27 18.30
N ASP A 260 6.93 21.69 18.30
CA ASP A 260 7.99 22.13 19.19
C ASP A 260 8.82 23.22 18.55
N SER A 261 9.17 24.22 19.35
CA SER A 261 10.06 25.28 18.87
C SER A 261 11.47 24.71 18.85
N PHE A 262 12.23 25.09 17.83
CA PHE A 262 13.64 24.70 17.76
C PHE A 262 14.42 25.72 16.95
N VAL A 263 15.75 25.69 17.09
CA VAL A 263 16.62 26.55 16.32
C VAL A 263 17.61 25.67 15.57
N LEU A 264 17.70 25.84 14.26
CA LEU A 264 18.71 25.14 13.46
C LEU A 264 20.09 25.68 13.74
N GLY A 265 21.07 24.79 13.90
CA GLY A 265 22.46 25.20 14.02
C GLY A 265 23.01 25.63 12.66
N MET B 1 1.83 -3.88 -32.50
CA MET B 1 0.76 -2.84 -32.62
C MET B 1 1.23 -1.43 -32.21
N HIS B 2 0.42 -0.41 -32.48
CA HIS B 2 0.66 0.96 -32.03
C HIS B 2 0.35 1.09 -30.54
N ASP B 3 0.84 2.16 -29.92
CA ASP B 3 0.59 2.35 -28.49
C ASP B 3 -0.74 3.06 -28.38
N LEU B 4 -1.46 2.80 -27.29
CA LEU B 4 -2.80 3.30 -27.18
C LEU B 4 -2.81 4.44 -26.17
N ARG B 5 -3.40 5.57 -26.55
CA ARG B 5 -3.54 6.72 -25.67
C ARG B 5 -4.90 6.64 -25.00
N ILE B 6 -4.89 6.65 -23.67
CA ILE B 6 -6.11 6.49 -22.91
C ILE B 6 -6.34 7.69 -22.03
N SER B 7 -7.55 8.23 -22.06
CA SER B 7 -7.93 9.33 -21.17
C SER B 7 -8.93 8.85 -20.13
N LEU B 8 -8.61 9.09 -18.86
CA LEU B 8 -9.50 8.80 -17.74
C LEU B 8 -10.26 10.08 -17.44
N VAL B 9 -11.58 10.03 -17.51
CA VAL B 9 -12.36 11.24 -17.25
C VAL B 9 -13.13 11.05 -15.94
N GLN B 10 -12.47 11.44 -14.85
CA GLN B 10 -12.99 11.23 -13.52
C GLN B 10 -13.86 12.43 -13.12
N GLY B 11 -15.15 12.36 -13.47
CA GLY B 11 -16.08 13.46 -13.18
C GLY B 11 -16.94 13.31 -11.94
N SER B 12 -17.50 14.44 -11.51
CA SER B 12 -18.54 14.43 -10.48
C SER B 12 -19.90 14.52 -11.17
N THR B 13 -20.45 13.35 -11.50
CA THR B 13 -21.68 13.28 -12.31
C THR B 13 -22.81 14.06 -11.61
N ARG B 14 -23.52 14.88 -12.39
CA ARG B 14 -24.66 15.62 -11.88
C ARG B 14 -25.83 14.67 -11.64
N TRP B 15 -26.48 14.79 -10.48
CA TRP B 15 -27.55 13.88 -10.14
C TRP B 15 -28.79 14.15 -10.99
N HIS B 16 -29.26 13.10 -11.69
CA HIS B 16 -30.54 13.14 -12.43
C HIS B 16 -30.59 14.31 -13.44
N ASP B 17 -29.48 14.55 -14.12
CA ASP B 17 -29.40 15.70 -15.03
C ASP B 17 -28.65 15.35 -16.31
N PRO B 18 -29.32 14.60 -17.21
CA PRO B 18 -28.69 14.19 -18.45
C PRO B 18 -28.15 15.34 -19.29
N ALA B 19 -28.95 16.39 -19.52
CA ALA B 19 -28.44 17.52 -20.33
C ALA B 19 -27.21 18.14 -19.68
N GLY B 20 -27.28 18.32 -18.35
CA GLY B 20 -26.19 18.94 -17.59
C GLY B 20 -24.93 18.10 -17.72
N ASN B 21 -25.10 16.78 -17.66
CA ASN B 21 -23.95 15.88 -17.78
C ASN B 21 -23.32 15.85 -19.17
N ARG B 22 -24.15 15.90 -20.21
CA ARG B 22 -23.59 15.99 -21.56
C ARG B 22 -22.79 17.27 -21.71
N ASP B 23 -23.31 18.37 -21.16
CA ASP B 23 -22.58 19.65 -21.18
C ASP B 23 -21.28 19.53 -20.39
N TYR B 24 -21.39 18.98 -19.18
CA TYR B 24 -20.26 18.89 -18.24
C TYR B 24 -19.13 17.98 -18.75
N TYR B 25 -19.49 16.75 -19.09
CA TYR B 25 -18.51 15.84 -19.72
C TYR B 25 -18.02 16.31 -21.09
N GLY B 26 -18.93 16.90 -21.89
CA GLY B 26 -18.54 17.48 -23.18
C GLY B 26 -17.38 18.46 -23.01
N ALA B 27 -17.49 19.33 -21.99
CA ALA B 27 -16.46 20.33 -21.70
C ALA B 27 -15.16 19.71 -21.24
N LEU B 28 -15.25 18.69 -20.40
CA LEU B 28 -14.07 17.89 -20.01
C LEU B 28 -13.37 17.24 -21.20
N LEU B 29 -14.16 16.85 -22.20
CA LEU B 29 -13.61 16.13 -23.37
C LEU B 29 -13.01 17.04 -24.42
N GLU B 30 -13.44 18.30 -24.44
CA GLU B 30 -12.99 19.23 -25.51
C GLU B 30 -11.49 19.27 -25.72
N PRO B 31 -10.69 19.44 -24.63
CA PRO B 31 -9.23 19.49 -24.76
C PRO B 31 -8.57 18.20 -25.30
N LEU B 32 -9.32 17.09 -25.29
CA LEU B 32 -8.76 15.79 -25.68
C LEU B 32 -8.72 15.54 -27.20
N ALA B 33 -9.37 16.39 -27.99
CA ALA B 33 -9.48 16.17 -29.43
C ALA B 33 -8.09 16.05 -30.04
N GLY B 34 -7.84 14.96 -30.75
CA GLY B 34 -6.54 14.70 -31.39
C GLY B 34 -5.48 14.12 -30.47
N GLN B 35 -5.77 14.10 -29.16
CA GLN B 35 -4.76 13.74 -28.15
C GLN B 35 -4.96 12.36 -27.52
N SER B 36 -6.00 11.65 -27.90
CA SER B 36 -6.35 10.39 -27.23
C SER B 36 -6.99 9.41 -28.20
N ASP B 37 -6.89 8.12 -27.88
CA ASP B 37 -7.50 7.06 -28.67
C ASP B 37 -8.71 6.46 -28.00
N LEU B 38 -8.78 6.60 -26.68
CA LEU B 38 -9.83 5.96 -25.92
C LEU B 38 -10.13 6.86 -24.74
N VAL B 39 -11.36 7.36 -24.67
CA VAL B 39 -11.78 8.26 -23.61
C VAL B 39 -12.83 7.51 -22.79
N ILE B 40 -12.57 7.40 -21.49
CA ILE B 40 -13.39 6.56 -20.62
C ILE B 40 -14.11 7.44 -19.60
N LEU B 41 -15.44 7.37 -19.63
CA LEU B 41 -16.30 8.09 -18.69
C LEU B 41 -16.84 7.15 -17.61
N PRO B 42 -17.38 7.71 -16.52
CA PRO B 42 -17.93 6.83 -15.48
C PRO B 42 -19.18 6.03 -15.90
N GLU B 43 -19.53 5.08 -15.06
CA GLU B 43 -20.80 4.39 -15.11
C GLU B 43 -21.94 5.38 -14.90
N THR B 44 -23.02 5.15 -15.65
CA THR B 44 -24.25 5.94 -15.56
C THR B 44 -23.93 7.43 -15.48
N PHE B 45 -23.19 7.91 -16.48
CA PHE B 45 -22.63 9.27 -16.43
C PHE B 45 -23.64 10.37 -16.75
N THR B 46 -24.87 10.00 -17.14
CA THR B 46 -25.92 11.02 -17.36
C THR B 46 -26.92 11.21 -16.22
N SER B 47 -27.11 10.23 -15.35
CA SER B 47 -28.08 10.41 -14.26
C SER B 47 -27.50 10.14 -12.88
N GLY B 48 -26.31 9.57 -12.86
CA GLY B 48 -25.74 9.00 -11.65
C GLY B 48 -26.30 7.62 -11.39
N PHE B 49 -25.79 6.97 -10.35
CA PHE B 49 -26.22 5.59 -10.10
C PHE B 49 -27.50 5.61 -9.27
N SER B 50 -28.63 5.37 -9.93
CA SER B 50 -29.91 5.71 -9.33
C SER B 50 -30.98 4.74 -9.78
N ASN B 51 -31.72 4.16 -8.81
CA ASN B 51 -32.86 3.31 -9.19
C ASN B 51 -34.04 4.07 -9.77
N GLU B 52 -34.31 5.26 -9.23
CA GLU B 52 -35.39 6.09 -9.74
C GLU B 52 -35.17 6.53 -11.19
N ALA B 53 -33.92 6.50 -11.67
CA ALA B 53 -33.65 6.96 -13.02
C ALA B 53 -34.23 6.01 -14.07
N ILE B 54 -34.66 4.81 -13.63
CA ILE B 54 -35.19 3.83 -14.57
C ILE B 54 -36.41 4.37 -15.31
N ASP B 55 -37.21 5.16 -14.61
CA ASP B 55 -38.47 5.61 -15.12
C ASP B 55 -38.33 6.76 -16.13
N LYS B 56 -37.12 7.27 -16.26
CA LYS B 56 -36.83 8.34 -17.22
C LYS B 56 -35.73 7.92 -18.20
N ALA B 57 -35.41 6.64 -18.22
CA ALA B 57 -34.30 6.17 -19.05
C ALA B 57 -34.50 6.47 -20.54
N GLU B 58 -33.43 6.91 -21.19
CA GLU B 58 -33.44 7.12 -22.63
C GLU B 58 -33.45 5.79 -23.38
N ASP B 59 -33.73 5.82 -24.68
CA ASP B 59 -33.54 4.62 -25.49
C ASP B 59 -32.44 4.87 -26.48
N MET B 60 -32.20 3.93 -27.38
CA MET B 60 -31.06 3.99 -28.33
C MET B 60 -31.17 5.15 -29.32
N ASP B 61 -32.38 5.67 -29.51
CA ASP B 61 -32.62 6.79 -30.43
C ASP B 61 -32.55 8.13 -29.71
N GLY B 62 -32.11 8.12 -28.45
CA GLY B 62 -32.11 9.30 -27.60
C GLY B 62 -30.90 10.20 -27.73
N PRO B 63 -30.92 11.33 -26.99
CA PRO B 63 -29.90 12.36 -27.13
C PRO B 63 -28.52 11.91 -26.65
N THR B 64 -28.46 11.05 -25.64
CA THR B 64 -27.13 10.64 -25.12
C THR B 64 -26.36 9.77 -26.11
N VAL B 65 -27.04 8.81 -26.75
CA VAL B 65 -26.39 7.97 -27.75
C VAL B 65 -25.94 8.87 -28.92
N ALA B 66 -26.78 9.77 -29.40
CA ALA B 66 -26.34 10.72 -30.42
C ALA B 66 -25.12 11.52 -29.98
N TRP B 67 -25.13 11.95 -28.71
CA TRP B 67 -24.06 12.78 -28.17
C TRP B 67 -22.74 12.01 -28.13
N ILE B 68 -22.79 10.76 -27.70
CA ILE B 68 -21.53 10.00 -27.60
C ILE B 68 -20.93 9.72 -28.98
N ARG B 69 -21.78 9.48 -29.96
CA ARG B 69 -21.34 9.28 -31.34
C ARG B 69 -20.66 10.54 -31.91
N THR B 70 -21.23 11.69 -31.56
CA THR B 70 -20.66 12.96 -31.97
C THR B 70 -19.34 13.23 -31.27
N GLN B 71 -19.22 12.83 -30.00
CA GLN B 71 -17.96 13.04 -29.31
C GLN B 71 -16.84 12.24 -29.99
N ALA B 72 -17.14 11.00 -30.40
CA ALA B 72 -16.14 10.20 -31.12
C ALA B 72 -15.64 10.91 -32.36
N ALA B 73 -16.59 11.43 -33.14
CA ALA B 73 -16.28 12.19 -34.36
C ALA B 73 -15.45 13.47 -34.08
N ARG B 74 -15.80 14.17 -33.00
CA ARG B 74 -15.10 15.41 -32.67
C ARG B 74 -13.68 15.15 -32.17
N LEU B 75 -13.52 14.09 -31.38
CA LEU B 75 -12.23 13.85 -30.72
C LEU B 75 -11.30 12.94 -31.51
N GLY B 76 -11.87 12.13 -32.40
CA GLY B 76 -11.09 11.11 -33.15
C GLY B 76 -10.66 9.96 -32.25
N ALA B 77 -11.49 9.64 -31.26
CA ALA B 77 -11.21 8.59 -30.29
C ALA B 77 -12.42 7.70 -30.11
N ALA B 78 -12.17 6.48 -29.65
CA ALA B 78 -13.23 5.68 -29.03
C ALA B 78 -13.68 6.39 -27.75
N ILE B 79 -14.99 6.44 -27.54
CA ILE B 79 -15.56 7.01 -26.32
C ILE B 79 -16.40 5.93 -25.65
N THR B 80 -16.23 5.77 -24.35
CA THR B 80 -16.99 4.76 -23.63
C THR B 80 -17.47 5.22 -22.25
N GLY B 81 -18.61 4.72 -21.83
CA GLY B 81 -19.24 5.12 -20.57
C GLY B 81 -20.53 4.34 -20.53
N SER B 82 -21.23 4.32 -19.40
CA SER B 82 -22.54 3.64 -19.44
C SER B 82 -23.69 4.57 -19.09
N VAL B 83 -24.88 4.16 -19.52
CA VAL B 83 -26.10 4.92 -19.28
C VAL B 83 -27.23 3.92 -19.07
N GLN B 84 -28.21 4.27 -18.24
CA GLN B 84 -29.42 3.43 -18.16
C GLN B 84 -30.14 3.60 -19.49
N LEU B 85 -30.41 2.50 -20.19
CA LEU B 85 -31.01 2.60 -21.52
C LEU B 85 -32.12 1.58 -21.66
N ARG B 86 -33.27 2.08 -22.10
CA ARG B 86 -34.44 1.24 -22.29
C ARG B 86 -34.48 0.63 -23.69
N THR B 87 -34.81 -0.66 -23.75
CA THR B 87 -35.13 -1.34 -25.01
C THR B 87 -36.44 -2.09 -24.83
N GLU B 88 -36.85 -2.83 -25.86
CA GLU B 88 -38.03 -3.70 -25.76
C GLU B 88 -37.90 -4.76 -24.66
N HIS B 89 -36.66 -5.09 -24.29
CA HIS B 89 -36.39 -6.17 -23.34
C HIS B 89 -36.21 -5.72 -21.89
N GLY B 90 -36.28 -4.42 -21.64
CA GLY B 90 -36.10 -3.90 -20.27
C GLY B 90 -35.17 -2.70 -20.28
N VAL B 91 -34.74 -2.29 -19.09
CA VAL B 91 -33.81 -1.17 -18.98
C VAL B 91 -32.49 -1.72 -18.46
N PHE B 92 -31.44 -1.45 -19.21
CA PHE B 92 -30.14 -2.03 -18.94
C PHE B 92 -29.20 -0.94 -18.44
N ASN B 93 -28.15 -1.34 -17.72
CA ASN B 93 -27.03 -0.44 -17.48
C ASN B 93 -26.08 -0.72 -18.63
N ARG B 94 -26.19 0.08 -19.67
CA ARG B 94 -25.56 -0.23 -20.93
C ARG B 94 -24.32 0.58 -21.18
N LEU B 95 -23.20 -0.11 -21.21
CA LEU B 95 -21.95 0.51 -21.64
C LEU B 95 -22.00 0.73 -23.16
N LEU B 96 -21.69 1.96 -23.58
CA LEU B 96 -21.67 2.34 -24.98
C LEU B 96 -20.24 2.48 -25.43
N TRP B 97 -19.97 2.06 -26.67
CA TRP B 97 -18.62 2.14 -27.24
C TRP B 97 -18.76 2.79 -28.62
N ALA B 98 -18.42 4.07 -28.73
CA ALA B 98 -18.61 4.82 -29.97
C ALA B 98 -17.27 5.18 -30.59
N THR B 99 -17.17 5.04 -31.91
CA THR B 99 -15.92 5.31 -32.60
C THR B 99 -16.11 6.21 -33.82
N PRO B 100 -15.04 6.90 -34.26
CA PRO B 100 -15.17 7.83 -35.38
C PRO B 100 -15.39 7.18 -36.75
N ASP B 101 -15.42 5.86 -36.81
CA ASP B 101 -15.87 5.15 -38.01
C ASP B 101 -17.40 5.03 -37.99
N GLY B 102 -18.03 5.73 -37.05
CA GLY B 102 -19.48 5.75 -36.98
C GLY B 102 -20.11 4.53 -36.35
N ALA B 103 -19.28 3.62 -35.83
CA ALA B 103 -19.79 2.40 -35.19
C ALA B 103 -20.22 2.65 -33.76
N LEU B 104 -21.18 1.86 -33.32
CA LEU B 104 -21.62 1.86 -31.93
C LEU B 104 -21.75 0.41 -31.48
N GLN B 105 -21.00 0.03 -30.45
CA GLN B 105 -21.16 -1.28 -29.86
C GLN B 105 -21.60 -1.04 -28.43
N TYR B 106 -22.07 -2.09 -27.76
CA TYR B 106 -22.55 -1.91 -26.42
C TYR B 106 -22.45 -3.21 -25.62
N TYR B 107 -22.49 -3.05 -24.31
CA TYR B 107 -22.41 -4.17 -23.38
C TYR B 107 -23.37 -3.85 -22.25
N ASP B 108 -24.32 -4.73 -22.02
CA ASP B 108 -25.20 -4.55 -20.89
C ASP B 108 -24.58 -5.21 -19.65
N LYS B 109 -24.47 -4.43 -18.58
CA LYS B 109 -23.86 -4.91 -17.33
C LYS B 109 -24.48 -6.26 -16.96
N ARG B 110 -23.63 -7.26 -16.78
CA ARG B 110 -24.08 -8.63 -16.49
C ARG B 110 -24.43 -8.80 -15.03
N HIS B 111 -23.62 -8.22 -14.13
CA HIS B 111 -23.88 -8.37 -12.69
C HIS B 111 -24.46 -7.06 -12.16
N LEU B 112 -25.79 -7.04 -11.97
CA LEU B 112 -26.42 -5.86 -11.39
C LEU B 112 -26.06 -5.78 -9.92
N PHE B 113 -25.87 -4.55 -9.45
CA PHE B 113 -25.37 -4.34 -8.09
C PHE B 113 -26.45 -4.54 -7.01
N ARG B 114 -26.47 -5.75 -6.49
CA ARG B 114 -27.47 -6.22 -5.52
C ARG B 114 -27.50 -5.38 -4.24
N PHE B 115 -26.31 -5.05 -3.74
CA PHE B 115 -26.22 -4.28 -2.52
C PHE B 115 -26.89 -2.90 -2.66
N GLY B 116 -26.93 -2.39 -3.89
CA GLY B 116 -27.55 -1.10 -4.20
C GLY B 116 -28.94 -1.23 -4.81
N ASN B 117 -29.46 -2.46 -4.79
CA ASN B 117 -30.81 -2.79 -5.30
C ASN B 117 -30.99 -2.56 -6.80
N GLU B 118 -29.88 -2.57 -7.54
CA GLU B 118 -29.96 -2.34 -8.98
C GLU B 118 -30.68 -3.52 -9.63
N HIS B 119 -30.62 -4.68 -8.99
CA HIS B 119 -31.20 -5.91 -9.57
C HIS B 119 -32.73 -5.97 -9.51
N LEU B 120 -33.33 -5.07 -8.74
CA LEU B 120 -34.78 -5.12 -8.53
C LEU B 120 -35.60 -4.82 -9.79
N ARG B 121 -35.21 -3.79 -10.55
CA ARG B 121 -35.95 -3.43 -11.75
C ARG B 121 -35.13 -3.31 -13.04
N TYR B 122 -33.81 -3.17 -12.95
CA TYR B 122 -32.98 -3.19 -14.15
C TYR B 122 -32.85 -4.59 -14.71
N ALA B 123 -32.58 -4.68 -16.00
CA ALA B 123 -32.41 -5.95 -16.67
C ALA B 123 -30.92 -6.21 -16.75
N ALA B 124 -30.53 -7.45 -16.55
CA ALA B 124 -29.13 -7.88 -16.56
C ALA B 124 -28.73 -8.29 -17.97
N GLY B 125 -27.47 -8.03 -18.32
CA GLY B 125 -26.92 -8.49 -19.58
C GLY B 125 -26.47 -9.93 -19.41
N ARG B 126 -25.73 -10.42 -20.40
CA ARG B 126 -25.32 -11.82 -20.43
C ARG B 126 -24.00 -11.93 -21.19
N GLU B 127 -23.96 -11.37 -22.39
CA GLU B 127 -22.79 -11.52 -23.27
C GLU B 127 -21.66 -10.62 -22.81
N ARG B 128 -20.42 -11.09 -23.00
CA ARG B 128 -19.25 -10.24 -22.80
C ARG B 128 -18.90 -9.50 -24.11
N LEU B 129 -18.41 -8.27 -23.99
CA LEU B 129 -18.03 -7.50 -25.17
C LEU B 129 -16.53 -7.39 -25.27
N CYS B 130 -16.01 -7.76 -26.44
CA CYS B 130 -14.65 -7.43 -26.80
C CYS B 130 -14.67 -6.68 -28.11
N VAL B 131 -13.96 -5.57 -28.14
CA VAL B 131 -13.92 -4.70 -29.31
C VAL B 131 -12.46 -4.55 -29.71
N GLU B 132 -12.24 -4.10 -30.93
CA GLU B 132 -10.87 -3.88 -31.38
C GLU B 132 -10.71 -2.45 -31.81
N TRP B 133 -9.65 -1.82 -31.30
CA TRP B 133 -9.40 -0.42 -31.61
C TRP B 133 -7.92 -0.18 -31.61
N LYS B 134 -7.42 0.38 -32.71
CA LYS B 134 -6.00 0.69 -32.88
C LYS B 134 -5.13 -0.59 -32.70
N GLY B 135 -5.69 -1.74 -33.07
CA GLY B 135 -5.01 -3.04 -32.96
C GLY B 135 -4.98 -3.62 -31.54
N TRP B 136 -5.63 -2.94 -30.62
CA TRP B 136 -5.79 -3.46 -29.26
C TRP B 136 -7.15 -4.13 -29.15
N ARG B 137 -7.16 -5.34 -28.60
CA ARG B 137 -8.43 -5.98 -28.30
C ARG B 137 -8.78 -5.64 -26.84
N ILE B 138 -9.99 -5.14 -26.64
CA ILE B 138 -10.35 -4.51 -25.37
C ILE B 138 -11.64 -5.11 -24.83
N ASN B 139 -11.64 -5.43 -23.54
CA ASN B 139 -12.83 -5.90 -22.89
C ASN B 139 -13.36 -4.86 -21.88
N PRO B 140 -14.40 -4.11 -22.28
CA PRO B 140 -15.02 -3.15 -21.35
C PRO B 140 -16.11 -3.77 -20.47
N GLN B 141 -15.97 -3.60 -19.15
CA GLN B 141 -16.97 -4.05 -18.19
C GLN B 141 -17.42 -2.91 -17.28
N VAL B 142 -18.39 -3.19 -16.41
CA VAL B 142 -19.04 -2.14 -15.65
C VAL B 142 -19.05 -2.44 -14.15
N CYS B 143 -18.45 -1.53 -13.39
CA CYS B 143 -18.50 -1.51 -11.90
C CYS B 143 -18.44 -2.89 -11.18
N TYR B 144 -19.57 -3.32 -10.62
CA TYR B 144 -19.68 -4.59 -9.88
C TYR B 144 -19.11 -5.81 -10.59
N ASP B 145 -19.13 -5.78 -11.94
CA ASP B 145 -18.50 -6.80 -12.76
C ASP B 145 -17.08 -7.13 -12.29
N LEU B 146 -16.38 -6.15 -11.73
CA LEU B 146 -15.00 -6.33 -11.29
C LEU B 146 -14.83 -7.48 -10.27
N ARG B 147 -15.87 -7.73 -9.49
CA ARG B 147 -15.82 -8.73 -8.41
C ARG B 147 -16.03 -10.17 -8.87
N PHE B 148 -16.11 -10.37 -10.20
CA PHE B 148 -16.44 -11.65 -10.81
C PHE B 148 -15.33 -12.12 -11.75
N PRO B 149 -14.31 -12.77 -11.18
CA PRO B 149 -13.10 -13.08 -11.97
C PRO B 149 -13.33 -14.06 -13.14
N VAL B 150 -14.33 -14.96 -13.04
CA VAL B 150 -14.56 -15.91 -14.11
C VAL B 150 -15.08 -15.19 -15.36
N PHE B 151 -16.07 -14.33 -15.19
CA PHE B 151 -16.54 -13.49 -16.29
C PHE B 151 -15.47 -12.53 -16.81
N CYS B 152 -14.57 -12.11 -15.94
CA CYS B 152 -13.46 -11.20 -16.33
C CYS B 152 -12.29 -11.91 -16.98
N ARG B 153 -12.32 -13.24 -17.02
CA ARG B 153 -11.10 -14.02 -17.30
C ARG B 153 -10.62 -13.89 -18.74
N ASN B 154 -9.32 -13.62 -18.88
CA ASN B 154 -8.67 -13.50 -20.18
C ASN B 154 -8.26 -14.91 -20.61
N ARG B 155 -9.06 -15.53 -21.47
CA ARG B 155 -8.80 -16.92 -21.90
C ARG B 155 -7.73 -16.99 -22.96
N PHE B 156 -7.07 -18.14 -23.04
CA PHE B 156 -6.07 -18.34 -24.08
C PHE B 156 -6.60 -19.25 -25.19
N ASP B 157 -6.35 -18.85 -26.43
CA ASP B 157 -6.72 -19.66 -27.62
C ASP B 157 -8.23 -19.92 -27.71
N VAL B 158 -9.02 -18.90 -27.38
CA VAL B 158 -10.46 -19.00 -27.46
C VAL B 158 -10.99 -17.97 -28.46
N GLU B 159 -11.02 -16.70 -28.05
CA GLU B 159 -11.49 -15.62 -28.94
C GLU B 159 -10.46 -15.31 -30.03
N ARG B 160 -9.17 -15.53 -29.74
CA ARG B 160 -8.10 -15.27 -30.69
C ARG B 160 -7.20 -16.49 -30.71
N PRO B 161 -6.94 -17.06 -31.90
CA PRO B 161 -6.15 -18.31 -31.91
C PRO B 161 -4.73 -18.11 -31.41
N GLY B 162 -4.30 -18.95 -30.48
CA GLY B 162 -2.94 -18.91 -29.95
C GLY B 162 -2.59 -17.65 -29.18
N GLN B 163 -3.61 -16.88 -28.80
CA GLN B 163 -3.40 -15.63 -28.06
C GLN B 163 -4.42 -15.52 -26.95
N LEU B 164 -4.17 -14.61 -26.01
CA LEU B 164 -5.18 -14.25 -25.02
C LEU B 164 -6.39 -13.57 -25.68
N ASP B 165 -7.56 -13.59 -25.02
CA ASP B 165 -8.79 -12.96 -25.52
C ASP B 165 -8.63 -11.45 -25.76
N PHE B 166 -7.89 -10.79 -24.87
CA PHE B 166 -7.78 -9.33 -24.95
C PHE B 166 -6.46 -8.79 -24.38
N ASP B 167 -6.21 -7.52 -24.66
CA ASP B 167 -4.95 -6.84 -24.35
C ASP B 167 -5.17 -5.80 -23.24
N LEU B 168 -6.42 -5.35 -23.14
CA LEU B 168 -6.80 -4.27 -22.23
C LEU B 168 -8.19 -4.57 -21.72
N GLN B 169 -8.37 -4.48 -20.41
CA GLN B 169 -9.68 -4.65 -19.78
C GLN B 169 -10.02 -3.35 -19.10
N LEU B 170 -11.27 -2.91 -19.26
CA LEU B 170 -11.74 -1.62 -18.75
C LEU B 170 -12.88 -1.82 -17.76
N PHE B 171 -12.90 -0.96 -16.74
CA PHE B 171 -14.05 -0.90 -15.82
C PHE B 171 -14.50 0.53 -15.67
N VAL B 172 -15.80 0.74 -15.85
CA VAL B 172 -16.39 2.05 -15.59
C VAL B 172 -17.30 1.90 -14.38
N ALA B 173 -17.23 2.86 -13.45
CA ALA B 173 -17.82 2.67 -12.11
C ALA B 173 -18.44 3.86 -11.40
N ASN B 174 -19.34 3.52 -10.46
CA ASN B 174 -19.71 4.35 -9.31
C ASN B 174 -19.50 3.52 -8.05
N TRP B 175 -18.25 3.47 -7.60
CA TRP B 175 -17.82 2.58 -6.52
C TRP B 175 -17.55 3.43 -5.29
N PRO B 176 -18.38 3.32 -4.25
CA PRO B 176 -18.28 4.24 -3.09
C PRO B 176 -16.98 4.12 -2.32
N SER B 177 -16.57 5.23 -1.69
CA SER B 177 -15.25 5.29 -1.07
C SER B 177 -15.10 4.36 0.13
N ALA B 178 -16.22 4.00 0.78
CA ALA B 178 -16.22 3.05 1.89
C ALA B 178 -15.59 1.71 1.51
N ARG B 179 -15.66 1.35 0.23
CA ARG B 179 -15.09 0.10 -0.26
C ARG B 179 -14.00 0.31 -1.32
N ALA B 180 -13.34 1.47 -1.24
CA ALA B 180 -12.26 1.83 -2.17
C ALA B 180 -11.13 0.81 -2.18
N TYR B 181 -10.86 0.20 -1.03
CA TYR B 181 -9.78 -0.78 -0.98
C TYR B 181 -10.04 -1.95 -1.93
N ALA B 182 -11.28 -2.44 -1.94
CA ALA B 182 -11.62 -3.54 -2.83
C ALA B 182 -11.45 -3.15 -4.30
N TRP B 183 -11.87 -1.94 -4.64
CA TRP B 183 -11.74 -1.46 -6.00
C TRP B 183 -10.27 -1.48 -6.41
N LYS B 184 -9.43 -0.84 -5.60
CA LYS B 184 -8.01 -0.73 -5.97
C LYS B 184 -7.39 -2.14 -6.07
N THR B 185 -7.72 -3.01 -5.13
CA THR B 185 -7.06 -4.32 -5.02
C THR B 185 -7.47 -5.20 -6.17
N LEU B 186 -8.78 -5.22 -6.45
CA LEU B 186 -9.28 -6.03 -7.55
C LEU B 186 -8.76 -5.59 -8.92
N LEU B 187 -8.69 -4.28 -9.19
CA LEU B 187 -8.17 -3.79 -10.49
C LEU B 187 -6.75 -4.30 -10.74
N ARG B 188 -5.95 -4.26 -9.67
CA ARG B 188 -4.54 -4.65 -9.77
C ARG B 188 -4.44 -6.17 -9.98
N ALA B 189 -5.23 -6.93 -9.21
CA ALA B 189 -5.30 -8.38 -9.36
C ALA B 189 -5.72 -8.77 -10.78
N ARG B 190 -6.73 -8.09 -11.31
CA ARG B 190 -7.16 -8.40 -12.69
C ARG B 190 -6.04 -8.25 -13.68
N ALA B 191 -5.26 -7.17 -13.61
CA ALA B 191 -4.16 -6.94 -14.53
C ALA B 191 -3.11 -8.06 -14.43
N ILE B 192 -2.80 -8.45 -13.20
CA ILE B 192 -1.83 -9.50 -12.96
C ILE B 192 -2.29 -10.83 -13.51
N GLU B 193 -3.51 -11.23 -13.15
CA GLU B 193 -3.92 -12.60 -13.50
C GLU B 193 -4.24 -12.75 -14.98
N ASN B 194 -4.68 -11.65 -15.61
CA ASN B 194 -5.07 -11.66 -17.01
C ASN B 194 -3.96 -11.16 -17.93
N LEU B 195 -2.79 -10.93 -17.35
CA LEU B 195 -1.61 -10.52 -18.10
C LEU B 195 -1.95 -9.38 -19.06
N CYS B 196 -2.59 -8.33 -18.55
CA CYS B 196 -3.08 -7.31 -19.47
C CYS B 196 -2.99 -5.94 -18.80
N PHE B 197 -3.15 -4.88 -19.58
CA PHE B 197 -3.37 -3.58 -18.99
C PHE B 197 -4.82 -3.51 -18.51
N VAL B 198 -5.03 -2.70 -17.48
CA VAL B 198 -6.39 -2.43 -16.98
C VAL B 198 -6.55 -0.92 -16.91
N ALA B 199 -7.68 -0.42 -17.38
CA ALA B 199 -7.99 1.00 -17.25
C ALA B 199 -9.34 1.09 -16.60
N ALA B 200 -9.49 2.02 -15.67
CA ALA B 200 -10.70 2.05 -14.87
C ALA B 200 -11.02 3.47 -14.49
N VAL B 201 -12.30 3.84 -14.59
CA VAL B 201 -12.73 5.18 -14.24
C VAL B 201 -13.87 5.05 -13.26
N ASN B 202 -13.74 5.80 -12.16
CA ASN B 202 -14.75 5.87 -11.14
C ASN B 202 -15.04 7.34 -10.93
N ARG B 203 -16.28 7.67 -10.62
CA ARG B 203 -16.62 9.07 -10.37
C ARG B 203 -16.06 9.55 -9.02
N VAL B 204 -16.15 10.86 -8.82
CA VAL B 204 -15.86 11.48 -7.52
C VAL B 204 -17.08 12.25 -7.07
N GLY B 205 -17.01 12.84 -5.87
CA GLY B 205 -18.12 13.66 -5.39
C GLY B 205 -19.13 12.88 -4.58
N VAL B 206 -20.27 13.52 -4.34
CA VAL B 206 -21.32 12.93 -3.52
C VAL B 206 -22.59 12.84 -4.38
N ASP B 207 -23.31 11.72 -4.29
CA ASP B 207 -24.55 11.58 -5.08
C ASP B 207 -25.82 11.74 -4.24
N GLY B 208 -26.97 11.58 -4.91
CA GLY B 208 -28.29 11.83 -4.29
C GLY B 208 -28.69 10.80 -3.27
N ASN B 209 -27.91 9.71 -3.20
CA ASN B 209 -28.12 8.65 -2.22
C ASN B 209 -27.13 8.77 -1.06
N GLN B 210 -26.51 9.95 -0.95
CA GLN B 210 -25.58 10.29 0.13
C GLN B 210 -24.26 9.55 0.09
N LEU B 211 -23.96 8.91 -1.04
CA LEU B 211 -22.72 8.15 -1.17
C LEU B 211 -21.59 9.04 -1.65
N HIS B 212 -20.41 8.83 -1.10
CA HIS B 212 -19.20 9.58 -1.47
C HIS B 212 -18.28 8.66 -2.28
N TYR B 213 -17.65 9.26 -3.29
CA TYR B 213 -16.81 8.55 -4.26
C TYR B 213 -15.42 9.19 -4.26
N ALA B 214 -14.40 8.35 -4.14
CA ALA B 214 -13.02 8.83 -4.04
C ALA B 214 -12.31 8.78 -5.39
N GLY B 215 -12.98 8.23 -6.39
CA GLY B 215 -12.32 8.11 -7.70
C GLY B 215 -11.40 6.91 -7.68
N ASP B 216 -10.09 7.13 -7.54
CA ASP B 216 -9.08 6.07 -7.69
C ASP B 216 -9.15 5.48 -9.10
N SER B 217 -9.45 6.32 -10.08
CA SER B 217 -9.33 5.90 -11.49
C SER B 217 -7.87 5.66 -11.82
N ALA B 218 -7.60 4.72 -12.72
CA ALA B 218 -6.22 4.32 -12.95
C ALA B 218 -6.02 3.63 -14.26
N VAL B 219 -4.78 3.68 -14.75
CA VAL B 219 -4.30 2.76 -15.77
C VAL B 219 -3.24 1.94 -15.08
N ILE B 220 -3.44 0.63 -15.11
CA ILE B 220 -2.59 -0.31 -14.37
C ILE B 220 -1.91 -1.21 -15.39
N ASP B 221 -0.60 -1.40 -15.24
CA ASP B 221 0.11 -2.26 -16.18
C ASP B 221 -0.10 -3.76 -15.88
N PHE B 222 0.49 -4.59 -16.75
CA PHE B 222 0.39 -6.07 -16.71
C PHE B 222 1.08 -6.70 -15.49
N LEU B 223 1.79 -5.89 -14.69
CA LEU B 223 2.37 -6.38 -13.43
C LEU B 223 1.48 -5.93 -12.25
N GLY B 224 0.34 -5.33 -12.59
CA GLY B 224 -0.56 -4.81 -11.58
C GLY B 224 -0.10 -3.52 -10.92
N GLN B 225 0.85 -2.84 -11.56
CA GLN B 225 1.41 -1.60 -11.05
C GLN B 225 0.75 -0.42 -11.75
N PRO B 226 0.20 0.53 -10.97
CA PRO B 226 -0.38 1.70 -11.62
C PRO B 226 0.66 2.47 -12.44
N GLN B 227 0.21 2.95 -13.59
CA GLN B 227 0.97 3.85 -14.42
C GLN B 227 0.53 5.28 -14.15
N VAL B 228 -0.78 5.48 -14.05
CA VAL B 228 -1.31 6.75 -13.55
C VAL B 228 -2.49 6.41 -12.65
N GLU B 229 -2.66 7.19 -11.61
CA GLU B 229 -3.77 7.01 -10.69
C GLU B 229 -4.24 8.37 -10.22
N ILE B 230 -5.56 8.58 -10.18
CA ILE B 230 -6.08 9.89 -9.76
C ILE B 230 -7.21 9.69 -8.79
N ARG B 231 -7.40 10.64 -7.89
CA ARG B 231 -8.43 10.46 -6.86
C ARG B 231 -8.98 11.75 -6.34
N GLU B 232 -10.17 11.62 -5.74
CA GLU B 232 -10.88 12.63 -4.95
C GLU B 232 -11.45 13.79 -5.74
N GLN B 233 -10.64 14.38 -6.62
CA GLN B 233 -10.99 15.59 -7.33
C GLN B 233 -11.44 15.23 -8.73
N GLU B 234 -12.27 16.10 -9.31
CA GLU B 234 -12.58 16.04 -10.75
C GLU B 234 -11.25 16.15 -11.48
N GLN B 235 -11.00 15.24 -12.43
CA GLN B 235 -9.66 15.15 -12.99
C GLN B 235 -9.68 14.39 -14.31
N VAL B 236 -8.93 14.89 -15.30
CA VAL B 236 -8.71 14.16 -16.55
C VAL B 236 -7.21 13.93 -16.67
N VAL B 237 -6.83 12.74 -17.08
CA VAL B 237 -5.43 12.47 -17.38
C VAL B 237 -5.36 11.57 -18.62
N THR B 238 -4.35 11.80 -19.47
CA THR B 238 -4.20 10.98 -20.66
C THR B 238 -2.81 10.34 -20.59
N THR B 239 -2.74 9.04 -20.79
CA THR B 239 -1.46 8.34 -20.69
C THR B 239 -1.37 7.34 -21.85
N THR B 240 -0.16 6.91 -22.19
CA THR B 240 -0.01 6.00 -23.32
C THR B 240 0.46 4.66 -22.80
N ILE B 241 -0.16 3.58 -23.28
CA ILE B 241 0.26 2.22 -22.90
C ILE B 241 1.01 1.51 -24.01
N SER B 242 2.03 0.76 -23.60
CA SER B 242 2.98 0.16 -24.53
C SER B 242 2.59 -1.23 -25.01
N ALA B 243 2.32 -1.35 -26.31
CA ALA B 243 2.10 -2.67 -26.91
C ALA B 243 3.35 -3.56 -26.75
N ALA B 244 4.53 -2.97 -26.97
CA ALA B 244 5.77 -3.76 -26.96
C ALA B 244 6.06 -4.34 -25.58
N ALA B 245 5.78 -3.56 -24.54
CA ALA B 245 6.06 -4.01 -23.16
C ALA B 245 5.12 -5.16 -22.81
N LEU B 246 3.87 -5.05 -23.24
CA LEU B 246 2.87 -6.12 -23.01
C LEU B 246 3.33 -7.41 -23.66
N ALA B 247 3.76 -7.31 -24.92
CA ALA B 247 4.17 -8.49 -25.66
C ALA B 247 5.44 -9.14 -25.04
N GLU B 248 6.37 -8.33 -24.60
CA GLU B 248 7.56 -8.82 -23.92
C GLU B 248 7.16 -9.54 -22.62
N HIS B 249 6.25 -8.95 -21.87
CA HIS B 249 5.87 -9.56 -20.61
C HIS B 249 5.23 -10.93 -20.84
N ARG B 250 4.31 -10.99 -21.81
CA ARG B 250 3.64 -12.26 -22.10
C ARG B 250 4.61 -13.32 -22.60
N ALA B 251 5.71 -12.91 -23.22
CA ALA B 251 6.73 -13.89 -23.63
C ALA B 251 7.51 -14.36 -22.39
N ARG B 252 7.86 -13.42 -21.52
CA ARG B 252 8.73 -13.70 -20.39
C ARG B 252 8.01 -14.50 -19.32
N PHE B 253 6.72 -14.21 -19.14
CA PHE B 253 5.93 -14.88 -18.10
C PHE B 253 4.70 -15.49 -18.75
N PRO B 254 4.84 -16.65 -19.41
CA PRO B 254 3.74 -17.19 -20.21
C PRO B 254 2.75 -18.01 -19.38
N ALA B 255 2.21 -17.37 -18.35
CA ALA B 255 1.17 -17.98 -17.51
C ALA B 255 -0.09 -18.25 -18.31
N MET B 256 -0.22 -17.59 -19.48
CA MET B 256 -1.33 -17.82 -20.45
C MET B 256 -1.50 -19.30 -20.79
N LEU B 257 -0.37 -20.01 -20.83
CA LEU B 257 -0.33 -21.38 -21.30
C LEU B 257 -0.87 -22.37 -20.28
N ASP B 258 -0.99 -21.92 -19.03
CA ASP B 258 -1.40 -22.80 -17.93
C ASP B 258 -2.83 -22.59 -17.45
N GLY B 259 -3.54 -21.65 -18.06
CA GLY B 259 -4.90 -21.32 -17.65
C GLY B 259 -5.85 -22.47 -17.95
N ASP B 260 -6.92 -22.55 -17.17
CA ASP B 260 -7.85 -23.66 -17.27
C ASP B 260 -8.98 -23.38 -18.23
N SER B 261 -9.34 -24.38 -19.03
CA SER B 261 -10.53 -24.31 -19.87
C SER B 261 -11.79 -24.40 -19.03
N PHE B 262 -12.80 -23.66 -19.46
CA PHE B 262 -14.09 -23.69 -18.79
C PHE B 262 -15.18 -23.22 -19.75
N VAL B 263 -16.41 -23.54 -19.40
CA VAL B 263 -17.57 -23.14 -20.19
C VAL B 263 -18.46 -22.39 -19.21
N LEU B 264 -18.81 -21.17 -19.57
CA LEU B 264 -19.77 -20.40 -18.78
C LEU B 264 -21.17 -20.95 -18.99
N GLY B 265 -21.92 -21.06 -17.90
CA GLY B 265 -23.30 -21.54 -17.95
C GLY B 265 -24.22 -20.60 -18.70
N MET C 1 26.04 -5.53 20.40
CA MET C 1 24.84 -6.05 21.14
C MET C 1 24.22 -7.27 20.44
N HIS C 2 23.49 -8.09 21.20
CA HIS C 2 22.76 -9.21 20.62
C HIS C 2 21.44 -8.74 20.01
N ASP C 3 20.72 -9.68 19.42
CA ASP C 3 19.42 -9.40 18.83
C ASP C 3 18.40 -9.29 19.92
N LEU C 4 17.35 -8.51 19.68
CA LEU C 4 16.35 -8.23 20.70
C LEU C 4 15.02 -8.89 20.34
N ARG C 5 14.41 -9.59 21.31
CA ARG C 5 13.11 -10.22 21.14
C ARG C 5 12.05 -9.27 21.67
N ILE C 6 11.12 -8.91 20.80
CA ILE C 6 10.10 -7.91 21.12
C ILE C 6 8.72 -8.52 21.00
N SER C 7 7.91 -8.31 22.03
CA SER C 7 6.53 -8.81 21.99
C SER C 7 5.57 -7.63 21.89
N LEU C 8 4.72 -7.66 20.86
CA LEU C 8 3.65 -6.70 20.71
C LEU C 8 2.39 -7.26 21.37
N VAL C 9 1.80 -6.50 22.30
CA VAL C 9 0.61 -6.95 23.01
C VAL C 9 -0.61 -6.09 22.65
N GLN C 10 -1.25 -6.49 21.57
CA GLN C 10 -2.35 -5.74 21.00
C GLN C 10 -3.66 -6.16 21.66
N GLY C 11 -4.01 -5.45 22.73
CA GLY C 11 -5.19 -5.79 23.53
C GLY C 11 -6.39 -4.91 23.25
N SER C 12 -7.56 -5.40 23.68
CA SER C 12 -8.77 -4.60 23.67
C SER C 12 -8.97 -4.09 25.11
N THR C 13 -8.35 -2.94 25.39
CA THR C 13 -8.37 -2.36 26.74
C THR C 13 -9.78 -2.23 27.28
N ARG C 14 -9.96 -2.69 28.50
CA ARG C 14 -11.25 -2.61 29.18
C ARG C 14 -11.47 -1.16 29.61
N TRP C 15 -12.68 -0.66 29.37
CA TRP C 15 -12.99 0.75 29.66
C TRP C 15 -13.07 1.02 31.15
N HIS C 16 -12.27 1.99 31.62
CA HIS C 16 -12.29 2.45 33.01
C HIS C 16 -12.23 1.31 34.02
N ASP C 17 -11.34 0.34 33.80
CA ASP C 17 -11.27 -0.85 34.67
C ASP C 17 -9.83 -1.28 34.97
N PRO C 18 -9.10 -0.50 35.80
CA PRO C 18 -7.69 -0.87 36.04
C PRO C 18 -7.48 -2.31 36.52
N ALA C 19 -8.26 -2.77 37.49
CA ALA C 19 -8.06 -4.14 37.99
C ALA C 19 -8.30 -5.20 36.89
N GLY C 20 -9.38 -5.02 36.13
CA GLY C 20 -9.74 -5.88 35.01
C GLY C 20 -8.64 -5.90 33.96
N ASN C 21 -8.06 -4.73 33.70
CA ASN C 21 -6.95 -4.63 32.74
C ASN C 21 -5.67 -5.30 33.20
N ARG C 22 -5.35 -5.13 34.48
CA ARG C 22 -4.17 -5.83 35.02
C ARG C 22 -4.33 -7.35 34.87
N ASP C 23 -5.54 -7.85 35.14
CA ASP C 23 -5.84 -9.28 34.96
C ASP C 23 -5.78 -9.72 33.48
N TYR C 24 -6.35 -8.88 32.62
CA TYR C 24 -6.48 -9.15 31.19
C TYR C 24 -5.12 -9.15 30.50
N TYR C 25 -4.37 -8.06 30.67
CA TYR C 25 -3.02 -7.99 30.14
C TYR C 25 -2.08 -8.98 30.82
N GLY C 26 -2.26 -9.18 32.12
CA GLY C 26 -1.50 -10.24 32.83
C GLY C 26 -1.62 -11.60 32.16
N ALA C 27 -2.84 -11.95 31.75
CA ALA C 27 -3.14 -13.22 31.12
C ALA C 27 -2.52 -13.30 29.73
N LEU C 28 -2.50 -12.17 29.01
CA LEU C 28 -1.83 -12.11 27.72
C LEU C 28 -0.32 -12.27 27.86
N LEU C 29 0.21 -11.77 28.99
CA LEU C 29 1.67 -11.80 29.20
C LEU C 29 2.19 -13.14 29.70
N GLU C 30 1.35 -13.90 30.41
CA GLU C 30 1.80 -15.17 31.01
C GLU C 30 2.65 -16.08 30.07
N PRO C 31 2.18 -16.38 28.84
CA PRO C 31 2.98 -17.25 27.97
C PRO C 31 4.31 -16.67 27.47
N LEU C 32 4.54 -15.38 27.69
CA LEU C 32 5.77 -14.75 27.22
C LEU C 32 6.98 -14.94 28.15
N ALA C 33 6.76 -15.49 29.34
CA ALA C 33 7.87 -15.65 30.30
C ALA C 33 9.02 -16.44 29.67
N GLY C 34 10.22 -15.84 29.72
CA GLY C 34 11.42 -16.39 29.10
C GLY C 34 11.57 -16.26 27.58
N GLN C 35 10.52 -15.78 26.92
CA GLN C 35 10.45 -15.76 25.45
C GLN C 35 10.75 -14.40 24.80
N SER C 36 10.92 -13.38 25.64
CA SER C 36 10.96 -12.00 25.13
C SER C 36 11.88 -11.15 25.97
N ASP C 37 12.41 -10.10 25.35
CA ASP C 37 13.28 -9.12 26.01
C ASP C 37 12.55 -7.82 26.29
N LEU C 38 11.50 -7.59 25.51
CA LEU C 38 10.76 -6.32 25.58
C LEU C 38 9.30 -6.56 25.27
N VAL C 39 8.44 -6.27 26.24
CA VAL C 39 7.02 -6.48 26.05
C VAL C 39 6.33 -5.11 26.00
N ILE C 40 5.58 -4.87 24.92
CA ILE C 40 5.01 -3.54 24.69
C ILE C 40 3.48 -3.59 24.75
N LEU C 41 2.95 -2.85 25.71
CA LEU C 41 1.51 -2.67 25.92
C LEU C 41 1.04 -1.35 25.27
N PRO C 42 -0.28 -1.22 25.03
CA PRO C 42 -0.81 0.05 24.55
C PRO C 42 -0.67 1.24 25.51
N GLU C 43 -0.92 2.42 24.97
CA GLU C 43 -1.08 3.63 25.76
C GLU C 43 -2.30 3.47 26.69
N THR C 44 -2.21 4.05 27.88
CA THR C 44 -3.25 4.04 28.91
C THR C 44 -3.97 2.68 29.00
N PHE C 45 -3.18 1.64 29.28
CA PHE C 45 -3.65 0.25 29.15
C PHE C 45 -4.52 -0.17 30.35
N THR C 46 -4.62 0.68 31.38
CA THR C 46 -5.48 0.37 32.54
C THR C 46 -6.85 1.05 32.52
N SER C 47 -6.99 2.10 31.74
CA SER C 47 -8.23 2.88 31.82
C SER C 47 -8.91 3.00 30.46
N GLY C 48 -8.10 2.86 29.41
CA GLY C 48 -8.51 3.33 28.11
C GLY C 48 -8.17 4.80 28.02
N PHE C 49 -8.15 5.31 26.80
CA PHE C 49 -7.81 6.72 26.60
C PHE C 49 -9.05 7.56 26.88
N SER C 50 -9.07 8.22 28.04
CA SER C 50 -10.29 8.88 28.54
C SER C 50 -9.99 10.12 29.38
N ASN C 51 -10.70 11.21 29.10
CA ASN C 51 -10.55 12.44 29.86
C ASN C 51 -11.18 12.36 31.25
N GLU C 52 -12.18 11.50 31.36
CA GLU C 52 -12.89 11.25 32.63
C GLU C 52 -12.03 10.47 33.62
N ALA C 53 -11.06 9.72 33.09
CA ALA C 53 -10.20 8.86 33.92
C ALA C 53 -9.21 9.64 34.82
N ILE C 54 -9.08 10.94 34.58
CA ILE C 54 -8.14 11.80 35.32
C ILE C 54 -8.42 11.87 36.83
N ASP C 55 -9.70 11.96 37.20
CA ASP C 55 -10.10 12.07 38.61
C ASP C 55 -9.68 10.92 39.53
N LYS C 56 -9.71 9.70 39.00
CA LYS C 56 -9.37 8.53 39.81
C LYS C 56 -7.99 7.95 39.44
N ALA C 57 -7.15 8.78 38.80
CA ALA C 57 -5.84 8.31 38.36
C ALA C 57 -4.97 7.86 39.52
N GLU C 58 -4.25 6.76 39.32
CA GLU C 58 -3.34 6.22 40.32
C GLU C 58 -2.11 7.09 40.46
N ASP C 59 -1.36 6.88 41.54
CA ASP C 59 -0.08 7.54 41.69
C ASP C 59 1.06 6.50 41.63
N MET C 60 2.31 6.95 41.78
CA MET C 60 3.45 6.06 41.61
C MET C 60 3.46 4.93 42.64
N ASP C 61 2.72 5.13 43.73
CA ASP C 61 2.62 4.15 44.81
C ASP C 61 1.48 3.17 44.59
N GLY C 62 0.83 3.29 43.43
CA GLY C 62 -0.36 2.52 43.13
C GLY C 62 -0.15 1.09 42.67
N PRO C 63 -1.26 0.34 42.53
CA PRO C 63 -1.17 -1.04 42.14
C PRO C 63 -0.58 -1.26 40.73
N THR C 64 -0.84 -0.35 39.80
CA THR C 64 -0.37 -0.57 38.42
C THR C 64 1.15 -0.53 38.32
N VAL C 65 1.77 0.44 38.98
CA VAL C 65 3.23 0.52 38.98
C VAL C 65 3.81 -0.74 39.64
N ALA C 66 3.20 -1.20 40.74
CA ALA C 66 3.64 -2.45 41.37
C ALA C 66 3.48 -3.64 40.42
N TRP C 67 2.37 -3.65 39.69
CA TRP C 67 2.05 -4.75 38.79
C TRP C 67 3.06 -4.82 37.65
N ILE C 68 3.42 -3.68 37.08
CA ILE C 68 4.34 -3.70 35.93
C ILE C 68 5.74 -4.15 36.35
N ARG C 69 6.17 -3.75 37.56
CA ARG C 69 7.46 -4.21 38.07
C ARG C 69 7.40 -5.72 38.30
N THR C 70 6.27 -6.20 38.79
CA THR C 70 6.10 -7.65 39.03
C THR C 70 6.14 -8.44 37.71
N GLN C 71 5.45 -7.93 36.70
CA GLN C 71 5.48 -8.55 35.38
C GLN C 71 6.88 -8.62 34.81
N ALA C 72 7.64 -7.52 34.91
CA ALA C 72 9.02 -7.51 34.40
C ALA C 72 9.85 -8.64 35.01
N ALA C 73 9.73 -8.80 36.34
CA ALA C 73 10.48 -9.84 37.05
C ALA C 73 9.98 -11.23 36.64
N ARG C 74 8.67 -11.42 36.59
CA ARG C 74 8.09 -12.71 36.25
C ARG C 74 8.45 -13.13 34.82
N LEU C 75 8.44 -12.19 33.87
CA LEU C 75 8.72 -12.52 32.47
C LEU C 75 10.21 -12.53 32.09
N GLY C 76 11.04 -11.79 32.84
CA GLY C 76 12.45 -11.66 32.48
C GLY C 76 12.62 -10.71 31.31
N ALA C 77 11.65 -9.80 31.14
CA ALA C 77 11.66 -8.82 30.04
C ALA C 77 11.40 -7.43 30.57
N ALA C 78 11.91 -6.43 29.84
CA ALA C 78 11.49 -5.04 30.07
C ALA C 78 10.03 -4.99 29.63
N ILE C 79 9.22 -4.25 30.38
CA ILE C 79 7.81 -4.05 30.06
C ILE C 79 7.55 -2.56 29.92
N THR C 80 6.74 -2.21 28.91
CA THR C 80 6.42 -0.81 28.68
C THR C 80 4.97 -0.60 28.25
N GLY C 81 4.45 0.57 28.55
CA GLY C 81 3.07 0.91 28.24
C GLY C 81 2.86 2.18 29.02
N SER C 82 1.71 2.82 28.82
CA SER C 82 1.47 4.04 29.60
C SER C 82 0.22 3.95 30.45
N VAL C 83 0.17 4.80 31.47
CA VAL C 83 -0.95 4.89 32.41
C VAL C 83 -1.18 6.36 32.78
N GLN C 84 -2.43 6.77 32.98
CA GLN C 84 -2.69 8.07 33.61
C GLN C 84 -2.15 8.01 35.04
N LEU C 85 -1.29 8.94 35.39
CA LEU C 85 -0.56 8.90 36.66
C LEU C 85 -0.50 10.28 37.33
N ARG C 86 -0.96 10.35 38.58
CA ARG C 86 -1.04 11.61 39.31
C ARG C 86 0.28 11.83 40.07
N THR C 87 0.79 13.07 40.00
CA THR C 87 1.90 13.53 40.84
C THR C 87 1.52 14.85 41.52
N GLU C 88 2.46 15.49 42.22
CA GLU C 88 2.23 16.84 42.76
C GLU C 88 1.91 17.88 41.67
N HIS C 89 2.37 17.66 40.44
CA HIS C 89 2.19 18.63 39.35
C HIS C 89 0.82 18.54 38.71
N GLY C 90 0.26 17.34 38.67
CA GLY C 90 -0.97 17.11 37.93
C GLY C 90 -0.95 15.68 37.46
N VAL C 91 -1.78 15.37 36.46
CA VAL C 91 -1.91 13.98 35.98
C VAL C 91 -1.28 13.89 34.59
N PHE C 92 -0.31 12.98 34.46
CA PHE C 92 0.41 12.76 33.22
C PHE C 92 -0.08 11.52 32.50
N ASN C 93 0.14 11.47 31.20
CA ASN C 93 0.07 10.22 30.44
C ASN C 93 1.49 9.67 30.50
N ARG C 94 1.73 8.79 31.47
CA ARG C 94 3.10 8.37 31.78
C ARG C 94 3.42 6.98 31.29
N LEU C 95 4.35 6.93 30.34
CA LEU C 95 4.93 5.68 29.90
C LEU C 95 5.89 5.19 30.99
N LEU C 96 5.75 3.91 31.33
CA LEU C 96 6.59 3.27 32.33
C LEU C 96 7.53 2.31 31.63
N TRP C 97 8.78 2.30 32.06
CA TRP C 97 9.76 1.36 31.56
C TRP C 97 10.31 0.55 32.75
N ALA C 98 9.82 -0.68 32.87
CA ALA C 98 10.09 -1.51 34.06
C ALA C 98 10.99 -2.66 33.64
N THR C 99 12.09 -2.86 34.35
CA THR C 99 13.00 -3.94 34.03
C THR C 99 12.99 -5.02 35.15
N PRO C 100 13.40 -6.27 34.82
CA PRO C 100 13.29 -7.40 35.78
C PRO C 100 13.91 -7.13 37.14
N ASP C 101 14.98 -6.37 37.17
CA ASP C 101 15.70 -6.04 38.42
C ASP C 101 14.95 -5.09 39.38
N GLY C 102 13.83 -4.56 38.94
CA GLY C 102 13.03 -3.66 39.77
C GLY C 102 13.22 -2.18 39.47
N ALA C 103 14.19 -1.86 38.61
CA ALA C 103 14.39 -0.47 38.16
C ALA C 103 13.19 0.01 37.34
N LEU C 104 12.98 1.32 37.36
CA LEU C 104 11.85 1.92 36.67
C LEU C 104 12.26 3.29 36.17
N GLN C 105 12.06 3.50 34.87
CA GLN C 105 12.17 4.83 34.30
C GLN C 105 10.82 5.15 33.67
N TYR C 106 10.59 6.43 33.39
CA TYR C 106 9.32 6.83 32.82
C TYR C 106 9.47 8.02 31.89
N TYR C 107 8.42 8.25 31.09
CA TYR C 107 8.35 9.33 30.13
C TYR C 107 6.94 9.89 30.13
N ASP C 108 6.81 11.17 30.42
CA ASP C 108 5.49 11.82 30.39
C ASP C 108 5.26 12.32 28.98
N LYS C 109 4.18 11.85 28.35
CA LYS C 109 3.83 12.25 26.98
C LYS C 109 4.01 13.75 26.80
N ARG C 110 4.84 14.12 25.84
CA ARG C 110 5.15 15.51 25.56
C ARG C 110 4.03 16.25 24.83
N HIS C 111 3.43 15.58 23.85
CA HIS C 111 2.42 16.20 23.01
C HIS C 111 1.06 15.65 23.39
N LEU C 112 0.27 16.43 24.11
CA LEU C 112 -1.02 15.92 24.56
C LEU C 112 -2.00 15.96 23.41
N PHE C 113 -2.86 14.94 23.29
CA PHE C 113 -3.71 14.79 22.09
C PHE C 113 -4.82 15.83 22.03
N ARG C 114 -4.49 16.93 21.37
CA ARG C 114 -5.35 18.13 21.31
C ARG C 114 -6.71 17.83 20.68
N PHE C 115 -6.71 17.03 19.61
CA PHE C 115 -7.95 16.69 18.92
C PHE C 115 -8.95 15.93 19.82
N GLY C 116 -8.43 15.23 20.83
CA GLY C 116 -9.25 14.44 21.76
C GLY C 116 -9.37 15.11 23.11
N ASN C 117 -8.99 16.38 23.16
CA ASN C 117 -9.08 17.23 24.34
C ASN C 117 -8.26 16.77 25.56
N GLU C 118 -7.22 15.97 25.31
CA GLU C 118 -6.31 15.53 26.38
C GLU C 118 -5.59 16.71 27.03
N HIS C 119 -5.34 17.74 26.24
CA HIS C 119 -4.61 18.93 26.69
C HIS C 119 -5.40 19.82 27.67
N LEU C 120 -6.70 19.61 27.77
CA LEU C 120 -7.52 20.45 28.66
C LEU C 120 -7.19 20.24 30.14
N ARG C 121 -7.09 18.99 30.58
CA ARG C 121 -6.89 18.73 32.02
C ARG C 121 -5.58 18.01 32.36
N TYR C 122 -5.04 17.22 31.43
CA TYR C 122 -3.78 16.52 31.67
C TYR C 122 -2.56 17.46 31.59
N ALA C 123 -1.48 17.06 32.26
CA ALA C 123 -0.21 17.77 32.26
C ALA C 123 0.70 17.19 31.17
N ALA C 124 1.44 18.07 30.47
CA ALA C 124 2.36 17.65 29.41
C ALA C 124 3.81 17.45 29.91
N GLY C 125 4.50 16.51 29.29
CA GLY C 125 5.90 16.26 29.62
C GLY C 125 6.81 17.19 28.85
N ARG C 126 8.11 17.01 29.00
CA ARG C 126 9.10 17.80 28.27
C ARG C 126 10.28 16.95 27.86
N GLU C 127 10.82 16.19 28.79
CA GLU C 127 12.02 15.39 28.55
C GLU C 127 11.77 14.23 27.58
N ARG C 128 12.76 13.88 26.77
CA ARG C 128 12.66 12.67 25.95
C ARG C 128 13.38 11.55 26.67
N LEU C 129 12.79 10.35 26.68
CA LEU C 129 13.38 9.20 27.35
C LEU C 129 14.15 8.31 26.37
N CYS C 130 15.44 8.10 26.64
CA CYS C 130 16.19 7.00 26.02
C CYS C 130 16.78 6.12 27.11
N VAL C 131 16.59 4.81 26.93
CA VAL C 131 17.01 3.82 27.91
C VAL C 131 17.98 2.86 27.22
N GLU C 132 18.87 2.25 27.99
CA GLU C 132 19.73 1.18 27.48
C GLU C 132 19.21 -0.13 28.05
N TRP C 133 19.03 -1.12 27.17
CA TRP C 133 18.52 -2.42 27.57
C TRP C 133 19.05 -3.47 26.60
N LYS C 134 19.74 -4.49 27.14
CA LYS C 134 20.31 -5.58 26.32
C LYS C 134 21.23 -5.02 25.20
N GLY C 135 21.90 -3.90 25.49
CA GLY C 135 22.83 -3.28 24.54
C GLY C 135 22.16 -2.43 23.47
N TRP C 136 20.83 -2.38 23.51
CA TRP C 136 20.03 -1.54 22.61
C TRP C 136 19.70 -0.22 23.29
N ARG C 137 19.91 0.88 22.58
CA ARG C 137 19.40 2.15 23.06
C ARG C 137 18.05 2.40 22.44
N ILE C 138 17.08 2.70 23.30
CA ILE C 138 15.67 2.67 22.94
C ILE C 138 14.98 3.96 23.31
N ASN C 139 14.24 4.52 22.35
CA ASN C 139 13.46 5.73 22.62
C ASN C 139 11.94 5.45 22.61
N PRO C 140 11.34 5.27 23.79
CA PRO C 140 9.88 5.05 23.85
C PRO C 140 9.10 6.35 23.86
N GLN C 141 8.13 6.47 22.94
CA GLN C 141 7.23 7.62 22.91
C GLN C 141 5.77 7.17 22.90
N VAL C 142 4.87 8.14 22.94
CA VAL C 142 3.45 7.86 23.16
C VAL C 142 2.55 8.51 22.09
N CYS C 143 1.84 7.63 21.37
CA CYS C 143 0.71 7.97 20.46
C CYS C 143 0.92 9.23 19.61
N TYR C 144 0.27 10.33 20.00
CA TYR C 144 0.32 11.62 19.27
C TYR C 144 1.74 12.11 18.99
N ASP C 145 2.68 11.76 19.88
CA ASP C 145 4.12 12.04 19.70
C ASP C 145 4.60 11.70 18.29
N LEU C 146 4.04 10.65 17.73
CA LEU C 146 4.43 10.17 16.39
C LEU C 146 4.35 11.27 15.31
N ARG C 147 3.47 12.25 15.50
CA ARG C 147 3.27 13.30 14.50
C ARG C 147 4.30 14.44 14.54
N PHE C 148 5.34 14.27 15.37
CA PHE C 148 6.26 15.35 15.69
C PHE C 148 7.70 14.94 15.42
N PRO C 149 8.14 15.11 14.16
CA PRO C 149 9.41 14.53 13.75
C PRO C 149 10.63 15.14 14.41
N VAL C 150 10.56 16.39 14.83
CA VAL C 150 11.74 17.00 15.47
C VAL C 150 11.97 16.39 16.85
N PHE C 151 10.91 16.22 17.62
CA PHE C 151 11.02 15.54 18.91
C PHE C 151 11.38 14.06 18.75
N CYS C 152 10.98 13.46 17.62
CA CYS C 152 11.28 12.06 17.31
C CYS C 152 12.67 11.84 16.71
N ARG C 153 13.39 12.93 16.45
CA ARG C 153 14.61 12.83 15.63
C ARG C 153 15.76 12.08 16.28
N ASN C 154 16.31 11.12 15.52
CA ASN C 154 17.52 10.36 15.87
C ASN C 154 18.73 11.19 15.44
N ARG C 155 19.32 11.91 16.40
CA ARG C 155 20.41 12.82 16.10
C ARG C 155 21.71 12.02 16.06
N PHE C 156 22.71 12.52 15.33
CA PHE C 156 24.02 11.88 15.23
C PHE C 156 25.05 12.64 16.06
N ASP C 157 25.84 11.89 16.83
CA ASP C 157 26.95 12.43 17.62
C ASP C 157 26.47 13.46 18.64
N VAL C 158 25.31 13.15 19.26
CA VAL C 158 24.78 13.98 20.35
C VAL C 158 24.71 13.13 21.61
N GLU C 159 23.72 12.25 21.71
CA GLU C 159 23.60 11.40 22.90
C GLU C 159 24.69 10.32 22.98
N ARG C 160 25.13 9.84 21.82
CA ARG C 160 26.25 8.89 21.74
C ARG C 160 27.31 9.37 20.75
N PRO C 161 28.59 9.29 21.15
CA PRO C 161 29.68 9.83 20.32
C PRO C 161 29.82 9.05 19.03
N GLY C 162 29.78 9.77 17.93
CA GLY C 162 29.95 9.19 16.59
C GLY C 162 28.89 8.16 16.27
N GLN C 163 27.75 8.22 16.96
CA GLN C 163 26.65 7.30 16.70
C GLN C 163 25.33 8.03 16.68
N LEU C 164 24.29 7.38 16.17
CA LEU C 164 22.91 7.90 16.34
C LEU C 164 22.47 7.80 17.81
N ASP C 165 21.53 8.66 18.22
CA ASP C 165 20.94 8.65 19.58
C ASP C 165 20.39 7.30 20.04
N PHE C 166 19.72 6.59 19.14
CA PHE C 166 19.08 5.34 19.50
C PHE C 166 19.03 4.35 18.36
N ASP C 167 18.68 3.13 18.73
CA ASP C 167 18.66 2.01 17.82
C ASP C 167 17.24 1.55 17.53
N LEU C 168 16.35 1.83 18.46
CA LEU C 168 14.97 1.35 18.38
C LEU C 168 14.09 2.43 18.95
N GLN C 169 13.03 2.76 18.22
CA GLN C 169 12.08 3.78 18.66
C GLN C 169 10.75 3.09 18.81
N LEU C 170 10.04 3.36 19.90
CA LEU C 170 8.76 2.70 20.19
C LEU C 170 7.67 3.73 20.27
N PHE C 171 6.48 3.34 19.83
CA PHE C 171 5.26 4.13 20.05
C PHE C 171 4.16 3.24 20.60
N VAL C 172 3.59 3.65 21.73
CA VAL C 172 2.42 3.00 22.31
C VAL C 172 1.22 3.94 22.15
N ALA C 173 0.07 3.39 21.77
CA ALA C 173 -1.03 4.25 21.26
C ALA C 173 -2.47 3.76 21.49
N ASN C 174 -3.40 4.71 21.38
CA ASN C 174 -4.84 4.46 21.15
C ASN C 174 -5.17 5.32 19.95
N TRP C 175 -4.87 4.82 18.76
CA TRP C 175 -4.99 5.61 17.56
C TRP C 175 -6.19 5.10 16.80
N PRO C 176 -7.26 5.91 16.68
CA PRO C 176 -8.50 5.41 16.05
C PRO C 176 -8.32 4.98 14.58
N SER C 177 -9.11 3.98 14.17
CA SER C 177 -8.99 3.45 12.82
C SER C 177 -9.33 4.47 11.72
N ALA C 178 -10.13 5.49 12.08
CA ALA C 178 -10.45 6.57 11.15
C ALA C 178 -9.18 7.21 10.58
N ARG C 179 -8.11 7.20 11.37
CA ARG C 179 -6.85 7.81 10.94
C ARG C 179 -5.70 6.78 10.91
N ALA C 180 -6.06 5.50 10.67
CA ALA C 180 -5.06 4.43 10.59
C ALA C 180 -3.98 4.68 9.54
N TYR C 181 -4.38 5.26 8.41
CA TYR C 181 -3.40 5.50 7.34
C TYR C 181 -2.22 6.35 7.85
N ALA C 182 -2.51 7.39 8.63
CA ALA C 182 -1.46 8.27 9.16
C ALA C 182 -0.55 7.49 10.10
N TRP C 183 -1.15 6.70 10.98
CA TRP C 183 -0.37 5.87 11.90
C TRP C 183 0.61 4.99 11.13
N LYS C 184 0.09 4.24 10.16
CA LYS C 184 0.92 3.32 9.39
C LYS C 184 2.02 4.05 8.64
N THR C 185 1.66 5.15 7.99
CA THR C 185 2.63 5.87 7.19
C THR C 185 3.74 6.51 8.03
N LEU C 186 3.34 7.16 9.11
CA LEU C 186 4.32 7.83 9.98
C LEU C 186 5.29 6.86 10.63
N LEU C 187 4.79 5.71 11.08
CA LEU C 187 5.70 4.69 11.67
C LEU C 187 6.80 4.29 10.70
N ARG C 188 6.39 4.04 9.46
CA ARG C 188 7.33 3.67 8.40
C ARG C 188 8.31 4.80 8.09
N ALA C 189 7.80 6.04 8.04
CA ALA C 189 8.66 7.19 7.76
C ALA C 189 9.70 7.38 8.88
N ARG C 190 9.29 7.23 10.14
CA ARG C 190 10.23 7.38 11.26
C ARG C 190 11.37 6.37 11.18
N ALA C 191 11.06 5.11 10.89
CA ALA C 191 12.10 4.08 10.76
C ALA C 191 13.08 4.48 9.65
N ILE C 192 12.54 4.97 8.52
CA ILE C 192 13.39 5.31 7.36
C ILE C 192 14.29 6.49 7.68
N GLU C 193 13.69 7.58 8.17
CA GLU C 193 14.45 8.80 8.35
C GLU C 193 15.42 8.69 9.51
N ASN C 194 15.03 7.89 10.52
CA ASN C 194 15.87 7.77 11.71
C ASN C 194 16.80 6.55 11.67
N LEU C 195 16.80 5.84 10.52
CA LEU C 195 17.68 4.71 10.30
C LEU C 195 17.64 3.75 11.50
N CYS C 196 16.44 3.35 11.89
CA CYS C 196 16.32 2.54 13.10
C CYS C 196 15.14 1.59 12.98
N PHE C 197 15.08 0.62 13.90
CA PHE C 197 13.89 -0.21 14.02
C PHE C 197 12.85 0.62 14.74
N VAL C 198 11.60 0.34 14.42
CA VAL C 198 10.47 0.97 15.08
C VAL C 198 9.53 -0.16 15.53
N ALA C 199 9.08 -0.11 16.78
CA ALA C 199 8.09 -1.06 17.28
C ALA C 199 6.93 -0.28 17.85
N ALA C 200 5.72 -0.68 17.51
CA ALA C 200 4.59 0.15 17.86
C ALA C 200 3.42 -0.72 18.23
N VAL C 201 2.72 -0.34 19.29
CA VAL C 201 1.54 -1.08 19.73
C VAL C 201 0.36 -0.13 19.84
N ASN C 202 -0.74 -0.53 19.20
CA ASN C 202 -1.98 0.21 19.27
C ASN C 202 -3.08 -0.74 19.71
N ARG C 203 -4.04 -0.27 20.49
CA ARG C 203 -5.11 -1.17 20.92
C ARG C 203 -6.04 -1.51 19.75
N VAL C 204 -6.92 -2.47 20.02
CA VAL C 204 -8.01 -2.87 19.13
C VAL C 204 -9.34 -2.76 19.89
N GLY C 205 -10.43 -3.05 19.19
CA GLY C 205 -11.75 -2.98 19.80
C GLY C 205 -12.38 -1.61 19.76
N VAL C 206 -13.44 -1.46 20.55
CA VAL C 206 -14.20 -0.21 20.59
C VAL C 206 -14.18 0.29 22.04
N ASP C 207 -13.91 1.57 22.24
CA ASP C 207 -13.82 2.13 23.59
C ASP C 207 -15.18 2.58 24.10
N GLY C 208 -15.22 3.07 25.33
CA GLY C 208 -16.45 3.47 25.98
C GLY C 208 -17.22 4.54 25.21
N ASN C 209 -16.48 5.30 24.39
CA ASN C 209 -17.09 6.35 23.56
C ASN C 209 -17.29 5.95 22.10
N GLN C 210 -17.31 4.64 21.86
CA GLN C 210 -17.66 4.05 20.57
C GLN C 210 -16.65 4.33 19.46
N LEU C 211 -15.43 4.73 19.84
CA LEU C 211 -14.34 4.87 18.88
C LEU C 211 -13.73 3.50 18.60
N HIS C 212 -13.57 3.19 17.32
CA HIS C 212 -13.01 1.92 16.87
C HIS C 212 -11.51 2.04 16.64
N TYR C 213 -10.80 1.01 17.05
CA TYR C 213 -9.34 0.90 16.90
C TYR C 213 -9.01 -0.36 16.12
N ALA C 214 -8.16 -0.23 15.10
CA ALA C 214 -7.83 -1.32 14.17
C ALA C 214 -6.50 -1.98 14.52
N GLY C 215 -5.82 -1.48 15.53
CA GLY C 215 -4.50 -2.01 15.88
C GLY C 215 -3.45 -1.50 14.91
N ASP C 216 -3.04 -2.35 13.96
CA ASP C 216 -1.87 -2.08 13.11
C ASP C 216 -0.58 -1.96 13.93
N SER C 217 -0.48 -2.74 14.98
CA SER C 217 0.78 -2.86 15.71
C SER C 217 1.80 -3.51 14.82
N ALA C 218 3.06 -3.11 14.96
CA ALA C 218 4.08 -3.61 14.06
C ALA C 218 5.47 -3.47 14.59
N VAL C 219 6.37 -4.27 14.02
CA VAL C 219 7.80 -4.05 14.16
C VAL C 219 8.28 -3.79 12.75
N ILE C 220 8.93 -2.64 12.58
CA ILE C 220 9.26 -2.14 11.26
C ILE C 220 10.78 -1.99 11.23
N ASP C 221 11.40 -2.44 10.15
CA ASP C 221 12.86 -2.39 10.05
C ASP C 221 13.33 -0.99 9.62
N PHE C 222 14.64 -0.81 9.59
CA PHE C 222 15.30 0.48 9.29
C PHE C 222 15.15 0.92 7.83
N LEU C 223 14.52 0.08 6.98
CA LEU C 223 14.12 0.48 5.64
C LEU C 223 12.63 0.88 5.54
N GLY C 224 11.95 0.88 6.69
CA GLY C 224 10.53 1.20 6.73
C GLY C 224 9.63 0.03 6.37
N GLN C 225 10.21 -1.16 6.30
CA GLN C 225 9.46 -2.36 5.90
C GLN C 225 9.05 -3.14 7.14
N PRO C 226 7.76 -3.44 7.26
CA PRO C 226 7.36 -4.20 8.43
C PRO C 226 7.99 -5.61 8.43
N GLN C 227 8.29 -6.09 9.62
CA GLN C 227 8.74 -7.45 9.77
C GLN C 227 7.57 -8.28 10.32
N VAL C 228 6.82 -7.71 11.25
CA VAL C 228 5.53 -8.30 11.64
C VAL C 228 4.51 -7.17 11.73
N GLU C 229 3.27 -7.45 11.35
CA GLU C 229 2.20 -6.48 11.51
C GLU C 229 0.94 -7.25 11.86
N ILE C 230 0.19 -6.70 12.81
CA ILE C 230 -1.05 -7.35 13.27
C ILE C 230 -2.15 -6.32 13.36
N ARG C 231 -3.39 -6.74 13.14
CA ARG C 231 -4.52 -5.81 13.20
C ARG C 231 -5.84 -6.44 13.56
N GLU C 232 -6.74 -5.54 13.98
CA GLU C 232 -8.15 -5.78 14.21
C GLU C 232 -8.49 -6.64 15.41
N GLN C 233 -7.81 -7.77 15.55
CA GLN C 233 -8.09 -8.70 16.63
C GLN C 233 -7.10 -8.54 17.77
N GLU C 234 -7.52 -8.95 18.97
CA GLU C 234 -6.62 -9.04 20.10
C GLU C 234 -5.55 -10.09 19.73
N GLN C 235 -4.29 -9.74 19.91
CA GLN C 235 -3.21 -10.55 19.34
C GLN C 235 -1.89 -10.21 20.02
N VAL C 236 -1.07 -11.23 20.25
CA VAL C 236 0.30 -11.04 20.73
C VAL C 236 1.20 -11.70 19.70
N VAL C 237 2.30 -11.04 19.37
CA VAL C 237 3.30 -11.70 18.53
C VAL C 237 4.66 -11.33 19.09
N THR C 238 5.59 -12.27 19.01
CA THR C 238 6.97 -12.00 19.43
C THR C 238 7.87 -12.21 18.23
N THR C 239 8.73 -11.22 17.98
CA THR C 239 9.65 -11.28 16.85
C THR C 239 11.04 -10.85 17.31
N THR C 240 12.08 -11.23 16.56
CA THR C 240 13.47 -10.84 16.93
C THR C 240 14.04 -9.85 15.91
N ILE C 241 14.63 -8.76 16.39
CA ILE C 241 15.26 -7.80 15.49
C ILE C 241 16.77 -7.89 15.48
N SER C 242 17.35 -7.73 14.31
CA SER C 242 18.78 -7.97 14.08
C SER C 242 19.66 -6.73 14.33
N ALA C 243 20.48 -6.83 15.37
CA ALA C 243 21.52 -5.82 15.61
C ALA C 243 22.49 -5.69 14.42
N ALA C 244 22.94 -6.82 13.89
CA ALA C 244 23.92 -6.76 12.80
C ALA C 244 23.35 -6.09 11.54
N ALA C 245 22.08 -6.38 11.24
CA ALA C 245 21.45 -5.83 10.05
C ALA C 245 21.37 -4.28 10.15
N LEU C 246 21.04 -3.80 11.35
CA LEU C 246 20.99 -2.38 11.61
C LEU C 246 22.36 -1.76 11.39
N ALA C 247 23.40 -2.38 11.96
CA ALA C 247 24.75 -1.86 11.82
C ALA C 247 25.18 -1.82 10.36
N GLU C 248 24.88 -2.91 9.65
CA GLU C 248 25.24 -2.99 8.23
C GLU C 248 24.58 -1.86 7.42
N HIS C 249 23.30 -1.61 7.69
CA HIS C 249 22.58 -0.57 6.98
C HIS C 249 23.18 0.82 7.24
N ARG C 250 23.52 1.07 8.49
CA ARG C 250 24.08 2.37 8.88
C ARG C 250 25.46 2.57 8.27
N ALA C 251 26.19 1.48 8.09
CA ALA C 251 27.51 1.52 7.47
C ALA C 251 27.35 1.75 5.98
N ARG C 252 26.32 1.15 5.39
CA ARG C 252 26.16 1.19 3.92
C ARG C 252 25.49 2.46 3.41
N PHE C 253 24.53 2.98 4.19
CA PHE C 253 23.77 4.17 3.80
C PHE C 253 23.95 5.23 4.89
N PRO C 254 24.96 6.09 4.71
CA PRO C 254 25.49 6.93 5.79
C PRO C 254 24.73 8.24 5.99
N ALA C 255 23.40 8.17 5.93
CA ALA C 255 22.57 9.36 5.99
C ALA C 255 22.69 10.04 7.34
N MET C 256 23.12 9.28 8.36
CA MET C 256 23.33 9.85 9.70
C MET C 256 24.31 11.01 9.67
N LEU C 257 25.25 10.95 8.73
CA LEU C 257 26.30 11.98 8.65
C LEU C 257 25.81 13.30 8.11
N ASP C 258 24.63 13.29 7.49
CA ASP C 258 24.08 14.48 6.86
C ASP C 258 22.99 15.20 7.66
N GLY C 259 22.55 14.63 8.78
CA GLY C 259 21.52 15.28 9.60
C GLY C 259 21.94 16.64 10.12
N ASP C 260 20.95 17.49 10.34
CA ASP C 260 21.19 18.88 10.76
C ASP C 260 21.24 19.03 12.27
N SER C 261 22.14 19.87 12.74
CA SER C 261 22.20 20.20 14.16
C SER C 261 21.05 21.14 14.49
N PHE C 262 20.44 20.95 15.66
CA PHE C 262 19.39 21.86 16.12
C PHE C 262 19.32 21.81 17.63
N VAL C 263 18.66 22.81 18.20
CA VAL C 263 18.43 22.86 19.64
C VAL C 263 16.93 23.06 19.86
N LEU C 264 16.33 22.16 20.64
CA LEU C 264 14.93 22.32 21.01
C LEU C 264 14.78 23.52 21.93
N GLY C 265 13.71 24.30 21.75
CA GLY C 265 13.47 25.49 22.55
C GLY C 265 12.88 25.19 23.92
N MET D 1 -19.67 -21.35 13.36
CA MET D 1 -18.92 -22.48 14.00
C MET D 1 -18.02 -22.01 15.16
N HIS D 2 -16.99 -22.80 15.48
CA HIS D 2 -15.93 -22.40 16.40
C HIS D 2 -15.03 -21.47 15.61
N ASP D 3 -14.23 -20.68 16.32
CA ASP D 3 -13.23 -19.89 15.65
C ASP D 3 -12.02 -20.77 15.43
N LEU D 4 -11.24 -20.49 14.40
CA LEU D 4 -10.14 -21.37 14.05
C LEU D 4 -8.81 -20.72 14.38
N ARG D 5 -7.95 -21.46 15.09
CA ARG D 5 -6.61 -20.98 15.40
C ARG D 5 -5.65 -21.47 14.32
N ILE D 6 -5.01 -20.51 13.64
CA ILE D 6 -4.09 -20.82 12.54
C ILE D 6 -2.66 -20.38 12.87
N SER D 7 -1.69 -21.27 12.66
CA SER D 7 -0.29 -20.95 12.87
C SER D 7 0.41 -20.89 11.51
N LEU D 8 1.05 -19.76 11.23
CA LEU D 8 1.89 -19.61 10.04
C LEU D 8 3.31 -19.95 10.43
N VAL D 9 3.93 -20.87 9.69
CA VAL D 9 5.29 -21.28 10.01
C VAL D 9 6.23 -20.89 8.87
N GLN D 10 6.75 -19.68 8.96
CA GLN D 10 7.54 -19.10 7.90
C GLN D 10 9.01 -19.46 8.09
N GLY D 11 9.43 -20.56 7.48
CA GLY D 11 10.79 -21.06 7.68
C GLY D 11 11.72 -20.75 6.53
N SER D 12 13.03 -20.85 6.80
CA SER D 12 14.03 -20.82 5.74
C SER D 12 14.39 -22.29 5.44
N THR D 13 13.66 -22.90 4.51
CA THR D 13 13.80 -24.31 4.16
C THR D 13 15.25 -24.66 3.85
N ARG D 14 15.77 -25.74 4.44
CA ARG D 14 17.12 -26.22 4.11
C ARG D 14 17.14 -26.84 2.72
N TRP D 15 18.17 -26.48 1.95
CA TRP D 15 18.30 -26.95 0.56
C TRP D 15 18.61 -28.43 0.49
N HIS D 16 17.73 -29.18 -0.16
CA HIS D 16 17.93 -30.62 -0.41
C HIS D 16 18.27 -31.41 0.87
N ASP D 17 17.58 -31.11 1.95
CA ASP D 17 17.92 -31.73 3.25
C ASP D 17 16.64 -32.12 4.00
N PRO D 18 15.99 -33.22 3.57
CA PRO D 18 14.73 -33.59 4.20
C PRO D 18 14.83 -33.86 5.70
N ALA D 19 15.86 -34.59 6.13
CA ALA D 19 15.99 -34.89 7.56
C ALA D 19 16.23 -33.61 8.36
N GLY D 20 17.09 -32.75 7.81
CA GLY D 20 17.37 -31.42 8.38
C GLY D 20 16.13 -30.54 8.50
N ASN D 21 15.28 -30.59 7.48
CA ASN D 21 14.03 -29.82 7.53
C ASN D 21 13.02 -30.38 8.51
N ARG D 22 12.96 -31.71 8.61
CA ARG D 22 12.07 -32.30 9.61
C ARG D 22 12.51 -31.89 11.02
N ASP D 23 13.81 -31.90 11.29
CA ASP D 23 14.33 -31.40 12.57
C ASP D 23 14.02 -29.91 12.76
N TYR D 24 14.23 -29.15 11.69
CA TYR D 24 14.10 -27.68 11.73
C TYR D 24 12.64 -27.25 11.95
N TYR D 25 11.75 -27.71 11.07
CA TYR D 25 10.31 -27.42 11.24
C TYR D 25 9.75 -28.06 12.52
N GLY D 26 10.26 -29.23 12.88
CA GLY D 26 9.81 -29.89 14.11
C GLY D 26 10.08 -28.99 15.31
N ALA D 27 11.23 -28.34 15.32
CA ALA D 27 11.61 -27.44 16.42
C ALA D 27 10.73 -26.22 16.44
N LEU D 28 10.44 -25.67 15.24
CA LEU D 28 9.51 -24.53 15.12
C LEU D 28 8.09 -24.89 15.58
N LEU D 29 7.70 -26.15 15.40
CA LEU D 29 6.34 -26.60 15.73
C LEU D 29 6.16 -26.88 17.23
N GLU D 30 7.27 -27.17 17.89
CA GLU D 30 7.21 -27.68 19.27
C GLU D 30 6.34 -26.84 20.22
N PRO D 31 6.58 -25.51 20.30
CA PRO D 31 5.80 -24.68 21.23
C PRO D 31 4.33 -24.52 20.89
N LEU D 32 3.93 -25.01 19.71
CA LEU D 32 2.54 -24.86 19.24
C LEU D 32 1.57 -25.91 19.80
N ALA D 33 2.06 -26.91 20.51
CA ALA D 33 1.18 -27.99 20.97
C ALA D 33 0.07 -27.41 21.83
N GLY D 34 -1.17 -27.74 21.46
CA GLY D 34 -2.36 -27.29 22.16
C GLY D 34 -2.78 -25.85 21.91
N GLN D 35 -2.04 -25.15 21.04
CA GLN D 35 -2.24 -23.71 20.81
C GLN D 35 -2.85 -23.38 19.46
N SER D 36 -3.00 -24.40 18.62
CA SER D 36 -3.38 -24.16 17.24
C SER D 36 -4.30 -25.26 16.73
N ASP D 37 -5.08 -24.92 15.71
CA ASP D 37 -5.96 -25.90 15.07
C ASP D 37 -5.47 -26.27 13.69
N LEU D 38 -4.66 -25.38 13.12
CA LEU D 38 -4.17 -25.55 11.75
C LEU D 38 -2.77 -24.94 11.65
N VAL D 39 -1.79 -25.78 11.34
CA VAL D 39 -0.40 -25.34 11.24
C VAL D 39 0.00 -25.45 9.78
N ILE D 40 0.45 -24.32 9.21
CA ILE D 40 0.73 -24.21 7.79
C ILE D 40 2.20 -24.04 7.53
N LEU D 41 2.76 -24.99 6.78
CA LEU D 41 4.18 -25.00 6.42
C LEU D 41 4.32 -24.59 4.95
N PRO D 42 5.52 -24.16 4.51
CA PRO D 42 5.70 -23.80 3.11
C PRO D 42 5.53 -24.96 2.13
N GLU D 43 5.43 -24.61 0.85
CA GLU D 43 5.52 -25.56 -0.24
C GLU D 43 6.91 -26.21 -0.22
N THR D 44 6.94 -27.49 -0.60
CA THR D 44 8.16 -28.31 -0.68
C THR D 44 9.09 -28.07 0.51
N PHE D 45 8.57 -28.27 1.72
CA PHE D 45 9.26 -27.84 2.93
C PHE D 45 10.39 -28.80 3.37
N THR D 46 10.59 -29.90 2.62
CA THR D 46 11.74 -30.79 2.93
C THR D 46 12.93 -30.72 1.99
N SER D 47 12.77 -30.14 0.81
CA SER D 47 13.93 -30.10 -0.07
C SER D 47 14.17 -28.71 -0.66
N GLY D 48 13.20 -27.82 -0.47
CA GLY D 48 13.15 -26.55 -1.21
C GLY D 48 12.55 -26.78 -2.58
N PHE D 49 12.28 -25.69 -3.29
CA PHE D 49 11.68 -25.81 -4.60
C PHE D 49 12.78 -26.07 -5.63
N SER D 50 12.89 -27.32 -6.06
CA SER D 50 14.05 -27.78 -6.82
C SER D 50 13.68 -28.83 -7.85
N ASN D 51 14.07 -28.62 -9.11
CA ASN D 51 13.84 -29.64 -10.13
C ASN D 51 14.72 -30.87 -9.95
N GLU D 52 15.91 -30.66 -9.39
CA GLU D 52 16.83 -31.77 -9.11
C GLU D 52 16.35 -32.65 -7.96
N ALA D 53 15.31 -32.22 -7.25
CA ALA D 53 14.80 -32.97 -6.11
C ALA D 53 13.96 -34.16 -6.54
N ILE D 54 13.63 -34.23 -7.84
CA ILE D 54 12.72 -35.28 -8.32
C ILE D 54 13.32 -36.69 -8.14
N ASP D 55 14.64 -36.79 -8.34
CA ASP D 55 15.32 -38.07 -8.35
C ASP D 55 15.24 -38.78 -6.99
N LYS D 56 15.46 -38.01 -5.92
CA LYS D 56 15.46 -38.56 -4.56
C LYS D 56 14.13 -38.41 -3.83
N ALA D 57 13.08 -38.02 -4.56
CA ALA D 57 11.77 -37.82 -3.96
C ALA D 57 11.32 -39.01 -3.10
N GLU D 58 10.71 -38.71 -1.95
CA GLU D 58 10.14 -39.74 -1.08
C GLU D 58 8.85 -40.27 -1.66
N ASP D 59 8.37 -41.40 -1.14
CA ASP D 59 7.04 -41.86 -1.49
C ASP D 59 6.11 -41.78 -0.28
N MET D 60 4.87 -42.22 -0.44
CA MET D 60 3.85 -42.09 0.60
C MET D 60 4.19 -42.89 1.86
N ASP D 61 5.09 -43.88 1.71
CA ASP D 61 5.52 -44.75 2.81
C ASP D 61 6.76 -44.23 3.54
N GLY D 62 7.24 -43.06 3.12
CA GLY D 62 8.48 -42.50 3.63
C GLY D 62 8.39 -41.70 4.93
N PRO D 63 9.55 -41.22 5.40
CA PRO D 63 9.67 -40.55 6.69
C PRO D 63 8.91 -39.22 6.82
N THR D 64 8.80 -38.45 5.75
CA THR D 64 8.14 -37.13 5.85
C THR D 64 6.64 -37.28 6.10
N VAL D 65 5.99 -38.17 5.35
CA VAL D 65 4.56 -38.44 5.58
C VAL D 65 4.37 -38.94 7.02
N ALA D 66 5.23 -39.87 7.46
CA ALA D 66 5.20 -40.34 8.86
C ALA D 66 5.33 -39.17 9.84
N TRP D 67 6.30 -38.29 9.55
CA TRP D 67 6.60 -37.14 10.41
C TRP D 67 5.40 -36.20 10.52
N ILE D 68 4.75 -35.90 9.39
CA ILE D 68 3.65 -34.93 9.43
C ILE D 68 2.45 -35.48 10.21
N ARG D 69 2.20 -36.78 10.07
CA ARG D 69 1.14 -37.41 10.82
C ARG D 69 1.46 -37.39 12.32
N THR D 70 2.71 -37.63 12.65
CA THR D 70 3.17 -37.59 14.03
C THR D 70 2.98 -36.20 14.63
N GLN D 71 3.37 -35.18 13.86
CA GLN D 71 3.24 -33.78 14.31
C GLN D 71 1.78 -33.45 14.56
N ALA D 72 0.90 -33.86 13.64
CA ALA D 72 -0.54 -33.60 13.82
C ALA D 72 -1.04 -34.13 15.15
N ALA D 73 -0.66 -35.36 15.49
CA ALA D 73 -1.10 -35.98 16.73
C ALA D 73 -0.47 -35.29 17.93
N ARG D 74 0.81 -34.96 17.82
CA ARG D 74 1.56 -34.33 18.92
C ARG D 74 1.00 -32.95 19.23
N LEU D 75 0.70 -32.20 18.17
CA LEU D 75 0.23 -30.83 18.31
C LEU D 75 -1.27 -30.68 18.59
N GLY D 76 -2.05 -31.67 18.18
CA GLY D 76 -3.50 -31.56 18.27
C GLY D 76 -4.07 -30.61 17.23
N ALA D 77 -3.37 -30.50 16.10
CA ALA D 77 -3.76 -29.59 15.02
C ALA D 77 -3.68 -30.32 13.67
N ALA D 78 -4.48 -29.86 12.70
CA ALA D 78 -4.26 -30.27 11.31
C ALA D 78 -2.96 -29.60 10.87
N ILE D 79 -2.16 -30.32 10.09
CA ILE D 79 -0.88 -29.79 9.57
C ILE D 79 -0.89 -29.88 8.07
N THR D 80 -0.46 -28.80 7.42
CA THR D 80 -0.37 -28.78 5.97
C THR D 80 0.94 -28.21 5.50
N GLY D 81 1.32 -28.64 4.29
CA GLY D 81 2.47 -28.12 3.57
C GLY D 81 2.62 -29.07 2.39
N SER D 82 3.54 -28.80 1.48
CA SER D 82 3.71 -29.74 0.39
C SER D 82 5.09 -30.36 0.33
N VAL D 83 5.17 -31.50 -0.35
CA VAL D 83 6.42 -32.26 -0.50
C VAL D 83 6.41 -32.84 -1.92
N GLN D 84 7.58 -32.91 -2.57
CA GLN D 84 7.73 -33.72 -3.77
C GLN D 84 7.50 -35.17 -3.36
N LEU D 85 6.56 -35.84 -4.00
CA LEU D 85 6.23 -37.21 -3.58
C LEU D 85 6.05 -38.10 -4.79
N ARG D 86 6.73 -39.25 -4.77
CA ARG D 86 6.70 -40.16 -5.90
C ARG D 86 5.58 -41.19 -5.74
N THR D 87 4.83 -41.42 -6.82
CA THR D 87 3.85 -42.49 -6.87
C THR D 87 4.08 -43.28 -8.16
N GLU D 88 3.31 -44.35 -8.37
CA GLU D 88 3.46 -45.13 -9.61
C GLU D 88 3.02 -44.35 -10.85
N HIS D 89 2.42 -43.17 -10.61
CA HIS D 89 1.97 -42.27 -11.68
C HIS D 89 2.87 -41.06 -11.97
N GLY D 90 3.93 -40.90 -11.19
CA GLY D 90 4.84 -39.79 -11.41
C GLY D 90 5.20 -39.16 -10.08
N VAL D 91 5.90 -38.02 -10.15
CA VAL D 91 6.26 -37.29 -8.95
C VAL D 91 5.44 -36.00 -8.93
N PHE D 92 4.74 -35.79 -7.82
CA PHE D 92 3.82 -34.69 -7.69
C PHE D 92 4.35 -33.72 -6.65
N ASN D 93 3.94 -32.47 -6.79
CA ASN D 93 4.07 -31.49 -5.70
C ASN D 93 2.81 -31.64 -4.88
N ARG D 94 2.89 -32.43 -3.82
CA ARG D 94 1.72 -32.94 -3.16
C ARG D 94 1.52 -32.26 -1.83
N LEU D 95 0.45 -31.49 -1.73
CA LEU D 95 0.09 -30.87 -0.48
C LEU D 95 -0.52 -31.95 0.40
N LEU D 96 -0.04 -32.05 1.64
CA LEU D 96 -0.54 -33.04 2.60
C LEU D 96 -1.42 -32.36 3.64
N TRP D 97 -2.52 -33.02 3.97
CA TRP D 97 -3.47 -32.53 4.95
C TRP D 97 -3.55 -33.59 6.02
N ALA D 98 -2.79 -33.41 7.10
CA ALA D 98 -2.68 -34.42 8.15
C ALA D 98 -3.45 -34.01 9.41
N THR D 99 -4.28 -34.91 9.93
CA THR D 99 -5.07 -34.57 11.12
C THR D 99 -4.68 -35.42 12.35
N PRO D 100 -4.96 -34.91 13.56
CA PRO D 100 -4.52 -35.56 14.80
C PRO D 100 -4.90 -37.04 14.91
N ASP D 101 -6.01 -37.43 14.28
CA ASP D 101 -6.51 -38.80 14.31
C ASP D 101 -5.65 -39.77 13.47
N GLY D 102 -4.71 -39.23 12.71
CA GLY D 102 -3.79 -39.99 11.89
C GLY D 102 -4.21 -40.08 10.44
N ALA D 103 -5.36 -39.49 10.13
CA ALA D 103 -5.89 -39.46 8.76
C ALA D 103 -5.06 -38.54 7.88
N LEU D 104 -5.05 -38.84 6.59
CA LEU D 104 -4.33 -38.01 5.64
C LEU D 104 -5.15 -37.82 4.38
N GLN D 105 -5.25 -36.58 3.93
CA GLN D 105 -5.73 -36.31 2.59
C GLN D 105 -4.62 -35.56 1.84
N TYR D 106 -4.76 -35.46 0.52
CA TYR D 106 -3.75 -34.72 -0.24
C TYR D 106 -4.31 -34.05 -1.47
N TYR D 107 -3.52 -33.10 -2.00
CA TYR D 107 -3.84 -32.34 -3.19
C TYR D 107 -2.56 -32.24 -4.01
N ASP D 108 -2.58 -32.80 -5.22
CA ASP D 108 -1.44 -32.64 -6.14
C ASP D 108 -1.62 -31.33 -6.88
N LYS D 109 -0.59 -30.46 -6.78
CA LYS D 109 -0.60 -29.16 -7.43
C LYS D 109 -1.03 -29.27 -8.89
N ARG D 110 -2.09 -28.54 -9.24
CA ARG D 110 -2.65 -28.59 -10.59
C ARG D 110 -1.86 -27.80 -11.63
N HIS D 111 -1.37 -26.63 -11.20
CA HIS D 111 -0.66 -25.71 -12.08
C HIS D 111 0.82 -25.77 -11.74
N LEU D 112 1.58 -26.52 -12.52
CA LEU D 112 3.03 -26.59 -12.30
C LEU D 112 3.71 -25.31 -12.71
N PHE D 113 4.71 -24.88 -11.94
CA PHE D 113 5.33 -23.58 -12.16
C PHE D 113 6.21 -23.56 -13.40
N ARG D 114 5.62 -23.18 -14.54
CA ARG D 114 6.33 -23.34 -15.80
C ARG D 114 7.53 -22.40 -15.94
N PHE D 115 7.43 -21.22 -15.32
CA PHE D 115 8.54 -20.24 -15.30
C PHE D 115 9.80 -20.80 -14.60
N GLY D 116 9.59 -21.66 -13.61
CA GLY D 116 10.70 -22.37 -12.96
C GLY D 116 10.96 -23.77 -13.50
N ASN D 117 10.35 -24.10 -14.64
CA ASN D 117 10.54 -25.41 -15.30
C ASN D 117 10.02 -26.67 -14.52
N GLU D 118 9.12 -26.44 -13.57
CA GLU D 118 8.52 -27.52 -12.76
C GLU D 118 7.71 -28.45 -13.66
N HIS D 119 7.18 -27.90 -14.74
CA HIS D 119 6.33 -28.63 -15.66
C HIS D 119 7.09 -29.67 -16.50
N LEU D 120 8.41 -29.54 -16.58
CA LEU D 120 9.18 -30.40 -17.49
C LEU D 120 9.19 -31.86 -17.01
N ARG D 121 9.43 -32.07 -15.72
CA ARG D 121 9.56 -33.42 -15.19
C ARG D 121 8.49 -33.86 -14.16
N TYR D 122 7.89 -32.90 -13.46
CA TYR D 122 6.88 -33.22 -12.44
C TYR D 122 5.52 -33.45 -13.07
N ALA D 123 4.67 -34.21 -12.38
CA ALA D 123 3.34 -34.54 -12.88
C ALA D 123 2.37 -33.60 -12.22
N ALA D 124 1.36 -33.20 -12.98
CA ALA D 124 0.36 -32.25 -12.50
C ALA D 124 -0.86 -32.95 -11.92
N GLY D 125 -1.48 -32.29 -10.94
CA GLY D 125 -2.75 -32.74 -10.41
C GLY D 125 -3.90 -32.31 -11.32
N ARG D 126 -5.11 -32.45 -10.82
CA ARG D 126 -6.32 -32.09 -11.57
C ARG D 126 -7.39 -31.63 -10.60
N GLU D 127 -7.73 -32.50 -9.63
CA GLU D 127 -8.87 -32.24 -8.76
C GLU D 127 -8.52 -31.20 -7.71
N ARG D 128 -9.51 -30.42 -7.30
CA ARG D 128 -9.36 -29.50 -6.20
C ARG D 128 -9.68 -30.24 -4.90
N LEU D 129 -9.04 -29.84 -3.82
CA LEU D 129 -9.28 -30.45 -2.53
C LEU D 129 -10.01 -29.48 -1.62
N CYS D 130 -11.15 -29.91 -1.08
CA CYS D 130 -11.77 -29.18 0.03
C CYS D 130 -11.97 -30.15 1.17
N VAL D 131 -11.53 -29.73 2.35
CA VAL D 131 -11.64 -30.55 3.54
C VAL D 131 -12.45 -29.83 4.60
N GLU D 132 -12.94 -30.58 5.58
CA GLU D 132 -13.63 -29.93 6.68
C GLU D 132 -12.90 -30.18 7.99
N TRP D 133 -12.69 -29.11 8.74
CA TRP D 133 -11.96 -29.19 10.01
C TRP D 133 -12.49 -28.17 11.01
N LYS D 134 -12.84 -28.66 12.22
CA LYS D 134 -13.45 -27.81 13.25
C LYS D 134 -14.62 -26.97 12.71
N GLY D 135 -15.41 -27.56 11.81
CA GLY D 135 -16.57 -26.85 11.24
C GLY D 135 -16.23 -25.88 10.11
N TRP D 136 -14.94 -25.72 9.83
CA TRP D 136 -14.50 -24.87 8.72
C TRP D 136 -14.29 -25.73 7.48
N ARG D 137 -14.83 -25.28 6.34
CA ARG D 137 -14.49 -25.93 5.07
C ARG D 137 -13.34 -25.16 4.42
N ILE D 138 -12.30 -25.90 4.09
CA ILE D 138 -11.01 -25.31 3.73
C ILE D 138 -10.51 -25.82 2.38
N ASN D 139 -10.04 -24.90 1.53
CA ASN D 139 -9.50 -25.27 0.21
C ASN D 139 -7.99 -24.97 0.18
N PRO D 140 -7.16 -25.99 0.40
CA PRO D 140 -5.71 -25.78 0.30
C PRO D 140 -5.19 -25.91 -1.13
N GLN D 141 -4.43 -24.89 -1.56
CA GLN D 141 -3.79 -24.86 -2.88
C GLN D 141 -2.30 -24.59 -2.72
N VAL D 142 -1.57 -24.66 -3.83
CA VAL D 142 -0.11 -24.59 -3.79
C VAL D 142 0.45 -23.50 -4.72
N CYS D 143 1.12 -22.51 -4.14
CA CYS D 143 1.96 -21.50 -4.85
C CYS D 143 1.34 -20.94 -6.15
N TYR D 144 1.89 -21.33 -7.32
CA TYR D 144 1.44 -20.87 -8.65
C TYR D 144 -0.06 -20.96 -8.86
N ASP D 145 -0.71 -21.94 -8.20
CA ASP D 145 -2.18 -22.03 -8.21
C ASP D 145 -2.86 -20.67 -7.98
N LEU D 146 -2.25 -19.83 -7.15
CA LEU D 146 -2.81 -18.52 -6.81
C LEU D 146 -3.14 -17.63 -8.01
N ARG D 147 -2.44 -17.84 -9.13
CA ARG D 147 -2.61 -17.00 -10.31
C ARG D 147 -3.79 -17.44 -11.18
N PHE D 148 -4.59 -18.39 -10.71
CA PHE D 148 -5.63 -19.03 -11.52
C PHE D 148 -6.98 -18.93 -10.88
N PRO D 149 -7.64 -17.78 -11.09
CA PRO D 149 -8.84 -17.47 -10.32
C PRO D 149 -10.03 -18.40 -10.56
N VAL D 150 -10.13 -18.98 -11.75
CA VAL D 150 -11.24 -19.88 -12.04
C VAL D 150 -11.11 -21.15 -11.16
N PHE D 151 -9.90 -21.70 -11.09
CA PHE D 151 -9.67 -22.85 -10.22
C PHE D 151 -9.75 -22.50 -8.72
N CYS D 152 -9.42 -21.26 -8.37
CA CYS D 152 -9.55 -20.79 -6.98
C CYS D 152 -10.97 -20.41 -6.61
N ARG D 153 -11.90 -20.43 -7.55
CA ARG D 153 -13.20 -19.78 -7.31
C ARG D 153 -14.04 -20.45 -6.24
N ASN D 154 -14.56 -19.59 -5.35
CA ASN D 154 -15.48 -19.96 -4.27
C ASN D 154 -16.89 -19.86 -4.84
N ARG D 155 -17.39 -20.97 -5.34
CA ARG D 155 -18.71 -20.97 -6.00
C ARG D 155 -19.84 -20.99 -4.99
N PHE D 156 -21.02 -20.52 -5.38
CA PHE D 156 -22.18 -20.48 -4.48
C PHE D 156 -23.20 -21.54 -4.86
N ASP D 157 -23.67 -22.31 -3.87
CA ASP D 157 -24.70 -23.35 -4.08
C ASP D 157 -24.20 -24.34 -5.14
N VAL D 158 -22.94 -24.74 -5.01
CA VAL D 158 -22.36 -25.76 -5.87
C VAL D 158 -21.94 -26.88 -4.94
N GLU D 159 -20.76 -26.76 -4.31
CA GLU D 159 -20.29 -27.82 -3.40
C GLU D 159 -21.15 -27.92 -2.15
N ARG D 160 -21.61 -26.78 -1.65
CA ARG D 160 -22.46 -26.76 -0.45
C ARG D 160 -23.79 -26.10 -0.75
N PRO D 161 -24.89 -26.76 -0.34
CA PRO D 161 -26.22 -26.26 -0.71
C PRO D 161 -26.48 -24.92 -0.08
N GLY D 162 -26.78 -23.91 -0.91
CA GLY D 162 -27.14 -22.58 -0.44
C GLY D 162 -26.00 -21.87 0.27
N GLN D 163 -24.77 -22.29 -0.01
CA GLN D 163 -23.59 -21.73 0.68
C GLN D 163 -22.44 -21.63 -0.29
N LEU D 164 -21.43 -20.88 0.11
CA LEU D 164 -20.17 -20.86 -0.64
C LEU D 164 -19.46 -22.22 -0.49
N ASP D 165 -18.66 -22.57 -1.49
CA ASP D 165 -17.87 -23.82 -1.49
C ASP D 165 -17.01 -23.95 -0.23
N PHE D 166 -16.40 -22.87 0.23
CA PHE D 166 -15.50 -22.96 1.38
C PHE D 166 -15.46 -21.68 2.19
N ASP D 167 -14.82 -21.77 3.35
CA ASP D 167 -14.75 -20.68 4.33
C ASP D 167 -13.35 -20.10 4.42
N LEU D 168 -12.37 -20.91 4.04
CA LEU D 168 -10.95 -20.56 4.21
C LEU D 168 -10.22 -21.18 3.04
N GLN D 169 -9.40 -20.37 2.37
CA GLN D 169 -8.55 -20.86 1.29
C GLN D 169 -7.12 -20.70 1.73
N LEU D 170 -6.28 -21.69 1.44
CA LEU D 170 -4.88 -21.67 1.86
C LEU D 170 -3.96 -21.72 0.65
N PHE D 171 -2.80 -21.06 0.75
CA PHE D 171 -1.75 -21.19 -0.26
C PHE D 171 -0.45 -21.45 0.43
N VAL D 172 0.27 -22.46 -0.01
CA VAL D 172 1.61 -22.70 0.53
C VAL D 172 2.57 -22.51 -0.63
N ALA D 173 3.68 -21.86 -0.37
CA ALA D 173 4.49 -21.29 -1.44
C ALA D 173 6.00 -21.27 -1.29
N ASN D 174 6.70 -21.18 -2.44
CA ASN D 174 8.07 -20.68 -2.56
C ASN D 174 8.00 -19.59 -3.63
N TRP D 175 7.54 -18.42 -3.23
CA TRP D 175 7.30 -17.33 -4.16
C TRP D 175 8.42 -16.32 -4.01
N PRO D 176 9.26 -16.16 -5.04
CA PRO D 176 10.46 -15.34 -4.87
C PRO D 176 10.12 -13.87 -4.65
N SER D 177 11.00 -13.18 -3.91
CA SER D 177 10.74 -11.80 -3.53
C SER D 177 10.64 -10.85 -4.72
N ALA D 178 11.24 -11.23 -5.86
CA ALA D 178 11.19 -10.41 -7.08
C ALA D 178 9.73 -10.15 -7.49
N ARG D 179 8.86 -11.10 -7.18
CA ARG D 179 7.46 -11.01 -7.57
C ARG D 179 6.55 -10.99 -6.34
N ALA D 180 7.10 -10.51 -5.22
CA ALA D 180 6.31 -10.39 -3.98
C ALA D 180 5.03 -9.56 -4.16
N TYR D 181 5.08 -8.52 -4.98
CA TYR D 181 3.89 -7.67 -5.14
C TYR D 181 2.71 -8.50 -5.67
N ALA D 182 2.97 -9.40 -6.62
CA ALA D 182 1.89 -10.24 -7.16
C ALA D 182 1.33 -11.18 -6.09
N TRP D 183 2.21 -11.76 -5.28
CA TRP D 183 1.79 -12.63 -4.17
C TRP D 183 0.86 -11.87 -3.26
N LYS D 184 1.31 -10.71 -2.77
CA LYS D 184 0.53 -9.92 -1.81
C LYS D 184 -0.82 -9.52 -2.40
N THR D 185 -0.79 -9.05 -3.64
CA THR D 185 -1.99 -8.51 -4.25
C THR D 185 -3.02 -9.63 -4.50
N LEU D 186 -2.55 -10.76 -5.04
CA LEU D 186 -3.48 -11.83 -5.41
C LEU D 186 -4.11 -12.45 -4.19
N LEU D 187 -3.34 -12.61 -3.12
CA LEU D 187 -3.92 -13.16 -1.88
C LEU D 187 -5.07 -12.31 -1.41
N ARG D 188 -4.89 -11.00 -1.48
CA ARG D 188 -5.93 -10.08 -1.00
C ARG D 188 -7.16 -10.10 -1.91
N ALA D 189 -6.92 -10.17 -3.21
CA ALA D 189 -7.98 -10.21 -4.19
C ALA D 189 -8.79 -11.51 -4.03
N ARG D 190 -8.11 -12.62 -3.77
CA ARG D 190 -8.80 -13.88 -3.59
C ARG D 190 -9.75 -13.79 -2.39
N ALA D 191 -9.31 -13.21 -1.28
CA ALA D 191 -10.15 -13.12 -0.11
C ALA D 191 -11.40 -12.29 -0.41
N ILE D 192 -11.20 -11.18 -1.13
CA ILE D 192 -12.29 -10.26 -1.46
C ILE D 192 -13.32 -10.92 -2.38
N GLU D 193 -12.85 -11.45 -3.51
CA GLU D 193 -13.79 -11.95 -4.52
C GLU D 193 -14.45 -13.22 -4.02
N ASN D 194 -13.74 -13.99 -3.19
CA ASN D 194 -14.26 -15.25 -2.68
C ASN D 194 -14.94 -15.17 -1.31
N LEU D 195 -15.03 -13.95 -0.76
CA LEU D 195 -15.73 -13.68 0.49
C LEU D 195 -15.29 -14.65 1.58
N CYS D 196 -13.99 -14.74 1.78
CA CYS D 196 -13.49 -15.78 2.68
C CYS D 196 -12.20 -15.32 3.33
N PHE D 197 -11.78 -16.03 4.37
CA PHE D 197 -10.47 -15.83 4.89
C PHE D 197 -9.47 -16.53 3.97
N VAL D 198 -8.25 -16.02 3.95
CA VAL D 198 -7.19 -16.65 3.18
C VAL D 198 -6.00 -16.74 4.13
N ALA D 199 -5.39 -17.91 4.20
CA ALA D 199 -4.15 -18.01 4.99
C ALA D 199 -3.05 -18.49 4.05
N ALA D 200 -1.86 -17.93 4.16
CA ALA D 200 -0.83 -18.27 3.20
C ALA D 200 0.53 -18.26 3.84
N VAL D 201 1.36 -19.22 3.44
CA VAL D 201 2.71 -19.32 3.99
C VAL D 201 3.69 -19.43 2.85
N ASN D 202 4.72 -18.61 2.92
CA ASN D 202 5.80 -18.59 1.94
C ASN D 202 7.07 -18.64 2.75
N ARG D 203 8.10 -19.25 2.19
CA ARG D 203 9.39 -19.34 2.90
C ARG D 203 10.12 -18.00 2.93
N VAL D 204 11.21 -17.98 3.72
CA VAL D 204 12.13 -16.86 3.71
C VAL D 204 13.54 -17.40 3.41
N GLY D 205 14.51 -16.51 3.38
CA GLY D 205 15.92 -16.87 3.15
C GLY D 205 16.24 -16.99 1.67
N VAL D 206 17.36 -17.64 1.36
CA VAL D 206 17.82 -17.80 -0.01
C VAL D 206 17.95 -19.28 -0.32
N ASP D 207 17.55 -19.71 -1.51
CA ASP D 207 17.64 -21.14 -1.81
C ASP D 207 18.94 -21.51 -2.49
N GLY D 208 19.04 -22.74 -2.96
CA GLY D 208 20.29 -23.26 -3.59
C GLY D 208 20.42 -22.83 -5.03
N ASN D 209 19.38 -22.21 -5.56
CA ASN D 209 19.44 -21.57 -6.88
C ASN D 209 19.64 -20.07 -6.70
N GLN D 210 20.07 -19.69 -5.50
CA GLN D 210 20.30 -18.29 -5.05
C GLN D 210 19.09 -17.32 -5.22
N LEU D 211 17.88 -17.87 -5.18
CA LEU D 211 16.66 -17.06 -5.18
C LEU D 211 16.34 -16.61 -3.76
N HIS D 212 16.05 -15.31 -3.61
CA HIS D 212 15.66 -14.73 -2.31
C HIS D 212 14.13 -14.72 -2.16
N TYR D 213 13.68 -15.02 -0.94
CA TYR D 213 12.27 -15.12 -0.58
C TYR D 213 11.99 -14.21 0.58
N ALA D 214 10.90 -13.45 0.49
CA ALA D 214 10.64 -12.40 1.47
C ALA D 214 9.56 -12.78 2.48
N GLY D 215 8.99 -13.98 2.33
CA GLY D 215 7.93 -14.42 3.23
C GLY D 215 6.62 -13.78 2.84
N ASP D 216 6.15 -12.80 3.63
CA ASP D 216 4.82 -12.18 3.42
C ASP D 216 3.75 -13.23 3.63
N SER D 217 4.01 -14.14 4.56
CA SER D 217 2.96 -15.05 5.02
C SER D 217 1.91 -14.21 5.74
N ALA D 218 0.65 -14.59 5.63
CA ALA D 218 -0.42 -13.76 6.17
C ALA D 218 -1.69 -14.55 6.43
N VAL D 219 -2.50 -14.02 7.34
CA VAL D 219 -3.91 -14.40 7.39
C VAL D 219 -4.65 -13.14 7.00
N ILE D 220 -5.45 -13.26 5.95
CA ILE D 220 -6.14 -12.14 5.35
C ILE D 220 -7.64 -12.37 5.56
N ASP D 221 -8.34 -11.34 6.04
CA ASP D 221 -9.79 -11.45 6.26
C ASP D 221 -10.60 -11.34 4.97
N PHE D 222 -11.92 -11.44 5.11
CA PHE D 222 -12.85 -11.55 3.97
C PHE D 222 -13.06 -10.19 3.29
N LEU D 223 -12.48 -9.15 3.86
CA LEU D 223 -12.41 -7.83 3.22
C LEU D 223 -11.06 -7.59 2.50
N GLY D 224 -10.24 -8.63 2.45
CA GLY D 224 -8.89 -8.52 1.90
C GLY D 224 -7.84 -7.81 2.73
N GLN D 225 -8.13 -7.60 4.02
CA GLN D 225 -7.22 -6.92 4.93
C GLN D 225 -6.48 -7.94 5.78
N PRO D 226 -5.13 -7.84 5.84
CA PRO D 226 -4.33 -8.78 6.62
C PRO D 226 -4.63 -8.67 8.09
N GLN D 227 -4.87 -9.78 8.75
CA GLN D 227 -5.03 -9.79 10.17
C GLN D 227 -3.65 -9.93 10.82
N VAL D 228 -2.84 -10.82 10.26
CA VAL D 228 -1.43 -10.91 10.62
C VAL D 228 -0.63 -11.03 9.33
N GLU D 229 0.56 -10.46 9.33
CA GLU D 229 1.46 -10.56 8.19
C GLU D 229 2.88 -10.54 8.72
N ILE D 230 3.70 -11.44 8.21
CA ILE D 230 5.07 -11.59 8.68
C ILE D 230 6.03 -11.63 7.49
N ARG D 231 7.24 -11.11 7.66
CA ARG D 231 8.11 -10.89 6.50
C ARG D 231 9.56 -11.06 6.85
N GLU D 232 10.34 -11.50 5.86
CA GLU D 232 11.81 -11.46 5.83
C GLU D 232 12.50 -12.45 6.73
N GLN D 233 12.03 -12.53 7.96
CA GLN D 233 12.68 -13.35 8.97
C GLN D 233 11.95 -14.67 9.16
N GLU D 234 12.67 -15.66 9.65
CA GLU D 234 12.08 -16.89 10.16
C GLU D 234 11.13 -16.51 11.28
N GLN D 235 9.90 -16.98 11.21
CA GLN D 235 8.89 -16.47 12.12
C GLN D 235 7.69 -17.40 12.20
N VAL D 236 7.20 -17.60 13.42
CA VAL D 236 5.92 -18.28 13.63
C VAL D 236 4.95 -17.31 14.27
N VAL D 237 3.69 -17.34 13.82
CA VAL D 237 2.63 -16.61 14.49
C VAL D 237 1.35 -17.43 14.47
N THR D 238 0.58 -17.33 15.54
CA THR D 238 -0.70 -18.01 15.63
C THR D 238 -1.78 -16.97 15.85
N THR D 239 -2.85 -17.05 15.08
CA THR D 239 -3.95 -16.07 15.16
C THR D 239 -5.29 -16.80 15.08
N THR D 240 -6.34 -16.16 15.56
CA THR D 240 -7.66 -16.79 15.54
C THR D 240 -8.53 -16.03 14.57
N ILE D 241 -9.18 -16.77 13.67
CA ILE D 241 -10.14 -16.19 12.74
C ILE D 241 -11.58 -16.46 13.12
N SER D 242 -12.42 -15.46 12.87
CA SER D 242 -13.78 -15.41 13.42
C SER D 242 -14.84 -15.95 12.47
N ALA D 243 -15.46 -17.07 12.87
CA ALA D 243 -16.59 -17.62 12.15
C ALA D 243 -17.77 -16.65 12.06
N ALA D 244 -18.08 -15.99 13.18
CA ALA D 244 -19.20 -15.06 13.24
C ALA D 244 -19.00 -13.87 12.30
N ALA D 245 -17.80 -13.30 12.28
CA ALA D 245 -17.54 -12.15 11.41
C ALA D 245 -17.70 -12.51 9.93
N LEU D 246 -17.24 -13.71 9.57
CA LEU D 246 -17.36 -14.24 8.21
C LEU D 246 -18.84 -14.37 7.81
N ALA D 247 -19.64 -14.95 8.70
CA ALA D 247 -21.06 -15.15 8.43
C ALA D 247 -21.77 -13.81 8.29
N GLU D 248 -21.41 -12.86 9.16
CA GLU D 248 -22.02 -11.52 9.15
C GLU D 248 -21.74 -10.79 7.84
N HIS D 249 -20.49 -10.88 7.40
CA HIS D 249 -20.11 -10.29 6.13
C HIS D 249 -20.88 -10.90 4.95
N ARG D 250 -20.99 -12.23 4.92
CA ARG D 250 -21.71 -12.91 3.84
C ARG D 250 -23.19 -12.59 3.83
N ALA D 251 -23.75 -12.34 5.02
CA ALA D 251 -25.15 -11.94 5.15
C ALA D 251 -25.33 -10.49 4.71
N ARG D 252 -24.38 -9.62 5.06
CA ARG D 252 -24.50 -8.19 4.79
C ARG D 252 -24.24 -7.83 3.34
N PHE D 253 -23.28 -8.52 2.72
CA PHE D 253 -22.81 -8.16 1.39
C PHE D 253 -22.91 -9.42 0.54
N PRO D 254 -24.09 -9.62 -0.07
CA PRO D 254 -24.44 -10.93 -0.63
C PRO D 254 -23.94 -11.15 -2.07
N ALA D 255 -22.66 -10.84 -2.31
CA ALA D 255 -22.13 -10.96 -3.65
C ALA D 255 -22.02 -12.40 -4.11
N MET D 256 -22.07 -13.34 -3.14
CA MET D 256 -22.14 -14.78 -3.44
C MET D 256 -23.31 -15.09 -4.37
N LEU D 257 -24.41 -14.36 -4.20
CA LEU D 257 -25.65 -14.63 -4.93
C LEU D 257 -25.54 -14.34 -6.41
N ASP D 258 -24.53 -13.53 -6.77
CA ASP D 258 -24.38 -13.05 -8.14
C ASP D 258 -23.33 -13.74 -8.99
N GLY D 259 -22.62 -14.71 -8.44
CA GLY D 259 -21.53 -15.37 -9.17
C GLY D 259 -22.06 -16.23 -10.33
N ASP D 260 -21.22 -16.42 -11.33
CA ASP D 260 -21.61 -17.12 -12.54
C ASP D 260 -21.42 -18.62 -12.45
N SER D 261 -22.35 -19.35 -13.05
CA SER D 261 -22.23 -20.79 -13.13
C SER D 261 -21.24 -21.08 -14.24
N PHE D 262 -20.41 -22.08 -14.02
CA PHE D 262 -19.48 -22.55 -15.04
C PHE D 262 -19.11 -24.00 -14.79
N VAL D 263 -18.49 -24.61 -15.79
CA VAL D 263 -17.98 -25.96 -15.65
C VAL D 263 -16.54 -26.01 -16.13
N LEU D 264 -15.67 -26.48 -15.26
CA LEU D 264 -14.26 -26.61 -15.59
C LEU D 264 -14.09 -27.73 -16.62
N GLY D 265 -13.33 -27.45 -17.68
CA GLY D 265 -13.06 -28.44 -18.72
C GLY D 265 -12.02 -29.46 -18.27
#